data_8JLK
#
_entry.id   8JLK
#
_cell.length_a   1.00
_cell.length_b   1.00
_cell.length_c   1.00
_cell.angle_alpha   90.00
_cell.angle_beta   90.00
_cell.angle_gamma   90.00
#
_symmetry.space_group_name_H-M   'P 1'
#
loop_
_entity.id
_entity.type
_entity.pdbx_description
1 polymer mGs
2 polymer 'Guanine nucleotide-binding protein G(I)/G(S)/G(T) subunit beta-1'
3 polymer 'Soluble cytochrome b562,Trace amine-associated receptor 1'
4 polymer ScFv16
5 polymer 'Guanine nucleotide-binding protein G(I)/G(S)/G(O) subunit gamma-2'
6 non-polymer 1-[(7~{S})-5,7-dihydro-4~{H}-thieno[2,3-c]pyran-7-yl]-~{N}-methyl-methanamine
#
loop_
_entity_poly.entity_id
_entity_poly.type
_entity_poly.pdbx_seq_one_letter_code
_entity_poly.pdbx_strand_id
1 'polypeptide(L)'
;MGCTLSAEDKAAVERSKMIEKQLQKDKQVYRATHRLLLLGADNSGKSTIVKQMRIYHVNGYSEEECKQYKAVVYSNTIQS
IIAIIRAMGRLKIDFGDSARADDARQLFVLAGAAEEGFMTAELAGVIKRLWKDSGVQACFNRSREYQLNDSAAYYLNDLD
RIAQPNYIPTQQDVLRTRVKTSGIFETKFQVDKVNFHMFDVGAQRDERRKWIQCFNDVTAIIFVVDSSDYNRLQEALNDF
KSIWNNRWLRTISVILFLNKQDLLAEKVLAGKSKIEDYFPEFARYTTPEDATPEPGEDPRVTRAKYFIRDEFLRISTASG
DGRHYCYPHFTCSVDTENARRIFNDCRDIIQRMHLRQYELL
;
A
2 'polypeptide(L)'
;MHHHHHHLEVLFQGPGSSGSELDQLRQEAEQLKNQIRDARKACADATLSQITNNIDPVGRIQMRTRRTLRGHLAKIYAMH
WGTDSRLLVSASQDGKLIIWDSYTTNKVHAIPLRSSWVMTCAYAPSGNYVACGGLDNICSIYNLKTREGNVRVSRELAGH
TGYLSCCRFLDDNQIVTSSGDTTCALWDIETGQQTTTFTGHTGDVMSLSLAPDTRLFVSGACDASAKLWDVREGMCRQTF
TGHESDINAICFFPNGNAFATGSDDATCRLFDLRADQELMTYSHDNIICGITSVSFSKSGRLLLAGYDDFNCNVWDALKA
DRAGVLAGHDNRVSCLGVTDDGMAVATGSWDSFLKIWN
;
B
3 'polypeptide(L)'
;DYKDDDDKADLEDNWETLNDNLKVIEKADNAAQVKDALTKMRAAALDAQKATPPKLEDKSPDSPEMKDFRHGFDILVGQI
DDALKLANEGKVKEAQAAAEQLKTTRNAYIQKYLMHLCHAITNISHRNSDWSREVQASLYSLMSLIILATLVGNLIVIIS
ISHFKQLHTPTNWLLHSMAIVDFLLGCLIMPCSMVRTVERCWYFGEILCKVHTSTDIMLSSASIFHLAFISIDRYCAVCD
PLRYKAKINISTILVMILVSWSLPAVYAFGMIFLELNLKGVEELYRSQVSDLGGCSPFFSKVSGVLAFMTSFYIPGSVML
FVYYRIYFIAKGQARSINRTNVQVGLEGKSQAPQSKETKAAKTLGIMVGVFLVCWCPFFLCTVLDPFLGYVIPPSLNDAL
YWFGYLNSALNPMVYAFFYPWFRRALKMVLLGKIFQKDSSRSKLFL
;
R
4 'polypeptide(L)'
;DVQLVESGGGLVQPGGSRKLSCSASGFAFSSFGMHWVRQAPEKGLEWVAYISSGSGTIYYADTVKGRFTISRDDPKNTLF
LQMTSLRSEDTAMYYCVRSIYYYGSSPFDFWGQGTTLTVSSGGGGSGGGGSGGGSSDIVMTQATSSVPVTPGESVSISCR
SSKSLLHSNGNTYLYWFLQRPGQSPQLLIYRMSNLASGVPDRFSGSGSGTAFTLTISRLEAEDVGVYYCMQHLEYPLTFG
AGTKLELKAAA
;
S
5 'polypeptide(L)' MASNNTASIAQARKLVEQLKMEANIDRIKVSKAAADLMAYCEAHAKEDPLLTPVPASENPFREKKFFCAIL Y
#
loop_
_chem_comp.id
_chem_comp.type
_chem_comp.name
_chem_comp.formula
UJL non-polymer 1-[(7~{S})-5,7-dihydro-4~{H}-thieno[2,3-c]pyran-7-yl]-~{N}-methyl-methanamine 'C9 H13 N O S'
#
# COMPACT_ATOMS: atom_id res chain seq x y z
N THR A 4 -5.79 14.18 -19.21
CA THR A 4 -7.17 14.26 -18.75
C THR A 4 -7.95 15.27 -19.58
N LEU A 5 -8.16 14.96 -20.86
CA LEU A 5 -8.87 15.86 -21.75
C LEU A 5 -10.18 15.27 -22.25
N SER A 6 -10.14 14.07 -22.84
CA SER A 6 -11.36 13.44 -23.29
C SER A 6 -12.21 13.02 -22.09
N ALA A 7 -13.51 12.87 -22.32
CA ALA A 7 -14.41 12.51 -21.23
C ALA A 7 -14.06 11.15 -20.63
N GLU A 8 -13.47 10.27 -21.45
CA GLU A 8 -13.13 8.94 -20.98
C GLU A 8 -12.08 8.99 -19.87
N ASP A 9 -11.06 9.83 -20.04
CA ASP A 9 -10.04 9.94 -18.98
C ASP A 9 -10.62 10.56 -17.72
N LYS A 10 -11.60 11.46 -17.88
CA LYS A 10 -12.29 12.01 -16.72
C LYS A 10 -13.05 10.93 -15.95
N ALA A 11 -13.75 10.04 -16.66
CA ALA A 11 -14.41 8.94 -15.97
C ALA A 11 -13.38 7.98 -15.36
N ALA A 12 -12.22 7.84 -16.00
CA ALA A 12 -11.16 7.01 -15.43
C ALA A 12 -10.70 7.56 -14.08
N VAL A 13 -10.46 8.87 -14.00
CA VAL A 13 -9.97 9.43 -12.74
C VAL A 13 -11.08 9.41 -11.69
N GLU A 14 -12.33 9.57 -12.10
CA GLU A 14 -13.41 9.44 -11.13
C GLU A 14 -13.45 8.04 -10.52
N ARG A 15 -13.31 7.01 -11.36
CA ARG A 15 -13.25 5.65 -10.83
C ARG A 15 -12.07 5.47 -9.89
N SER A 16 -10.89 5.97 -10.30
CA SER A 16 -9.70 5.82 -9.47
C SER A 16 -9.78 6.63 -8.18
N LYS A 17 -10.72 7.56 -8.08
CA LYS A 17 -10.94 8.25 -6.80
C LYS A 17 -11.91 7.47 -5.91
N MET A 18 -12.92 6.85 -6.51
CA MET A 18 -13.83 6.03 -5.72
C MET A 18 -13.06 4.90 -5.05
N ILE A 19 -12.12 4.32 -5.80
CA ILE A 19 -11.31 3.25 -5.24
C ILE A 19 -10.49 3.76 -4.06
N GLU A 20 -10.00 5.01 -4.14
CA GLU A 20 -9.21 5.56 -3.05
C GLU A 20 -10.06 5.78 -1.79
N LYS A 21 -11.31 6.21 -1.97
CA LYS A 21 -12.18 6.34 -0.80
C LYS A 21 -12.41 4.99 -0.12
N GLN A 22 -12.64 3.95 -0.92
CA GLN A 22 -12.80 2.63 -0.33
C GLN A 22 -11.55 2.20 0.44
N LEU A 23 -10.37 2.47 -0.13
CA LEU A 23 -9.13 2.14 0.59
C LEU A 23 -8.99 2.93 1.88
N GLN A 24 -9.45 4.19 1.90
CA GLN A 24 -9.40 4.97 3.14
C GLN A 24 -10.25 4.33 4.23
N LYS A 25 -11.46 3.91 3.89
CA LYS A 25 -12.30 3.27 4.90
C LYS A 25 -11.65 1.98 5.41
N ASP A 26 -11.07 1.20 4.50
CA ASP A 26 -10.41 -0.03 4.93
C ASP A 26 -9.24 0.26 5.86
N LYS A 27 -8.47 1.31 5.57
CA LYS A 27 -7.35 1.66 6.44
C LYS A 27 -7.83 2.11 7.81
N GLN A 28 -8.91 2.87 7.86
CA GLN A 28 -9.46 3.30 9.15
C GLN A 28 -9.85 2.10 10.00
N VAL A 29 -10.44 1.07 9.39
CA VAL A 29 -10.77 -0.14 10.16
C VAL A 29 -9.50 -0.90 10.54
N TYR A 30 -8.51 -0.92 9.64
CA TYR A 30 -7.28 -1.68 9.89
C TYR A 30 -6.47 -1.09 11.03
N ARG A 31 -6.59 0.22 11.27
CA ARG A 31 -5.77 0.87 12.28
C ARG A 31 -6.21 0.55 13.71
N ALA A 32 -7.47 0.19 13.90
CA ALA A 32 -8.05 0.02 15.23
C ALA A 32 -8.20 -1.45 15.61
N THR A 33 -7.23 -2.29 15.26
CA THR A 33 -7.30 -3.72 15.54
C THR A 33 -5.90 -4.25 15.82
N HIS A 34 -5.81 -5.18 16.77
CA HIS A 34 -4.55 -5.74 17.21
C HIS A 34 -4.45 -7.21 16.79
N ARG A 35 -3.36 -7.57 16.13
CA ARG A 35 -3.13 -8.93 15.66
C ARG A 35 -2.15 -9.64 16.58
N LEU A 36 -2.46 -10.89 16.93
CA LEU A 36 -1.64 -11.70 17.83
C LEU A 36 -1.30 -13.02 17.16
N LEU A 37 -0.14 -13.56 17.51
CA LEU A 37 0.32 -14.84 17.00
C LEU A 37 0.38 -15.85 18.14
N LEU A 38 -0.29 -16.99 17.96
CA LEU A 38 -0.34 -18.04 18.98
C LEU A 38 0.58 -19.18 18.59
N LEU A 39 1.45 -19.56 19.52
CA LEU A 39 2.40 -20.65 19.30
C LEU A 39 2.26 -21.67 20.41
N GLY A 40 2.69 -22.90 20.13
CA GLY A 40 2.62 -23.94 21.12
C GLY A 40 3.00 -25.27 20.52
N ALA A 41 2.85 -26.32 21.32
CA ALA A 41 3.09 -27.69 20.91
C ALA A 41 1.78 -28.48 20.96
N ASP A 42 1.86 -29.75 20.56
CA ASP A 42 0.65 -30.57 20.48
C ASP A 42 0.11 -30.95 21.85
N ASN A 43 0.99 -31.37 22.76
CA ASN A 43 0.53 -31.80 24.08
C ASN A 43 -0.02 -30.63 24.88
N SER A 44 0.55 -29.43 24.69
CA SER A 44 0.05 -28.25 25.37
C SER A 44 -1.41 -27.98 24.98
N GLY A 45 -2.18 -27.50 25.94
CA GLY A 45 -3.61 -27.40 25.73
C GLY A 45 -4.05 -26.18 24.94
N LYS A 46 -3.21 -25.72 24.01
CA LYS A 46 -3.56 -24.57 23.19
C LYS A 46 -4.78 -24.85 22.31
N SER A 47 -5.11 -26.12 22.10
CA SER A 47 -6.33 -26.49 21.39
C SER A 47 -7.59 -26.23 22.20
N THR A 48 -7.47 -26.10 23.52
CA THR A 48 -8.61 -25.83 24.37
C THR A 48 -8.73 -24.35 24.74
N ILE A 49 -7.62 -23.61 24.75
CA ILE A 49 -7.69 -22.17 25.00
C ILE A 49 -8.55 -21.50 23.94
N VAL A 50 -8.33 -21.86 22.67
CA VAL A 50 -9.11 -21.27 21.59
C VAL A 50 -10.58 -21.62 21.69
N LYS A 51 -10.89 -22.85 22.11
CA LYS A 51 -12.29 -23.23 22.27
C LYS A 51 -12.95 -22.47 23.42
N GLN A 52 -12.23 -22.29 24.52
CA GLN A 52 -12.77 -21.54 25.65
C GLN A 52 -13.01 -20.08 25.27
N MET A 53 -12.07 -19.47 24.54
CA MET A 53 -12.29 -18.11 24.06
C MET A 53 -13.45 -18.07 23.07
N ARG A 54 -13.59 -19.10 22.24
CA ARG A 54 -14.72 -19.20 21.34
C ARG A 54 -15.96 -19.69 22.08
N LYS A 180 -10.43 -31.14 5.27
CA LYS A 180 -9.81 -29.92 4.77
C LYS A 180 -8.47 -29.67 5.45
N THR A 181 -7.39 -29.75 4.65
CA THR A 181 -6.04 -29.52 5.16
C THR A 181 -5.71 -28.04 5.05
N SER A 182 -6.35 -27.26 5.91
CA SER A 182 -6.14 -25.82 5.92
C SER A 182 -4.75 -25.48 6.44
N GLY A 183 -4.34 -24.23 6.23
CA GLY A 183 -3.01 -23.80 6.59
C GLY A 183 -2.95 -22.82 7.73
N ILE A 184 -4.07 -22.16 8.03
CA ILE A 184 -4.10 -21.17 9.10
C ILE A 184 -5.54 -21.02 9.55
N PHE A 185 -5.72 -20.68 10.82
CA PHE A 185 -7.03 -20.45 11.40
C PHE A 185 -7.07 -19.08 12.07
N GLU A 186 -8.27 -18.50 12.13
CA GLU A 186 -8.45 -17.21 12.76
C GLU A 186 -9.59 -17.26 13.75
N THR A 187 -9.38 -16.64 14.91
CA THR A 187 -10.41 -16.51 15.92
C THR A 187 -10.41 -15.07 16.43
N LYS A 188 -11.60 -14.58 16.79
CA LYS A 188 -11.80 -13.18 17.15
C LYS A 188 -12.39 -13.09 18.55
N PHE A 189 -11.80 -12.25 19.38
CA PHE A 189 -12.36 -11.95 20.69
C PHE A 189 -12.22 -10.47 20.98
N GLN A 190 -13.27 -9.90 21.57
CA GLN A 190 -13.33 -8.49 21.91
C GLN A 190 -13.50 -8.33 23.41
N VAL A 191 -12.72 -7.43 24.00
CA VAL A 191 -12.80 -7.12 25.42
C VAL A 191 -12.70 -5.61 25.62
N ASP A 192 -13.70 -5.03 26.29
CA ASP A 192 -13.77 -3.59 26.51
C ASP A 192 -13.61 -2.81 25.21
N LYS A 193 -14.34 -3.25 24.19
CA LYS A 193 -14.40 -2.57 22.90
C LYS A 193 -13.01 -2.41 22.26
N VAL A 194 -12.22 -3.47 22.31
CA VAL A 194 -10.96 -3.56 21.58
C VAL A 194 -10.93 -4.91 20.88
N ASN A 195 -10.56 -4.90 19.60
CA ASN A 195 -10.58 -6.09 18.77
C ASN A 195 -9.20 -6.73 18.72
N PHE A 196 -9.14 -8.01 19.03
CA PHE A 196 -7.92 -8.80 18.95
C PHE A 196 -8.12 -9.92 17.95
N HIS A 197 -7.16 -10.08 17.04
CA HIS A 197 -7.17 -11.16 16.06
C HIS A 197 -5.96 -12.04 16.30
N MET A 198 -6.20 -13.29 16.65
CA MET A 198 -5.13 -14.23 16.95
C MET A 198 -5.12 -15.35 15.91
N PHE A 199 -3.97 -15.55 15.27
CA PHE A 199 -3.84 -16.47 14.15
C PHE A 199 -3.10 -17.71 14.62
N ASP A 200 -3.73 -18.87 14.48
CA ASP A 200 -3.14 -20.15 14.84
C ASP A 200 -2.79 -20.90 13.56
N VAL A 201 -1.51 -21.24 13.41
CA VAL A 201 -1.05 -21.91 12.21
C VAL A 201 -1.41 -23.39 12.29
N GLY A 202 -2.09 -23.88 11.25
CA GLY A 202 -2.57 -25.25 11.24
C GLY A 202 -1.57 -26.21 10.64
N ALA A 203 -1.99 -26.95 9.62
CA ALA A 203 -1.17 -28.02 9.04
C ALA A 203 -0.07 -27.42 8.20
N GLN A 204 1.09 -27.19 8.82
CA GLN A 204 2.27 -26.70 8.14
C GLN A 204 3.43 -27.65 8.41
N ARG A 205 4.55 -27.39 7.74
CA ARG A 205 5.75 -28.19 7.96
C ARG A 205 6.36 -27.82 9.31
N ASP A 206 7.27 -28.66 9.81
CA ASP A 206 7.87 -28.41 11.12
C ASP A 206 8.69 -27.11 11.13
N GLU A 207 9.50 -26.90 10.10
CA GLU A 207 10.36 -25.73 10.05
C GLU A 207 9.52 -24.46 9.90
N ARG A 208 9.75 -23.50 10.79
CA ARG A 208 9.06 -22.22 10.73
C ARG A 208 9.97 -21.05 10.41
N ARG A 209 11.25 -21.28 10.14
CA ARG A 209 12.20 -20.18 9.99
C ARG A 209 11.91 -19.34 8.75
N LYS A 210 11.06 -19.84 7.86
CA LYS A 210 10.80 -19.17 6.60
C LYS A 210 9.51 -18.37 6.59
N TRP A 211 8.43 -18.89 7.19
CA TRP A 211 7.17 -18.18 7.22
C TRP A 211 7.00 -17.33 8.47
N ILE A 212 8.03 -17.23 9.31
CA ILE A 212 7.97 -16.37 10.48
C ILE A 212 8.19 -14.90 10.15
N GLN A 213 8.72 -14.58 8.97
CA GLN A 213 8.98 -13.20 8.60
C GLN A 213 7.71 -12.39 8.43
N CYS A 214 6.60 -13.03 8.11
CA CYS A 214 5.35 -12.32 7.87
C CYS A 214 4.73 -11.77 9.14
N PHE A 215 5.31 -12.05 10.31
CA PHE A 215 4.66 -11.78 11.59
C PHE A 215 5.43 -10.76 12.44
N ASN A 216 6.32 -9.98 11.83
CA ASN A 216 7.13 -9.06 12.63
C ASN A 216 6.45 -7.70 12.86
N ASP A 217 5.11 -7.67 12.85
CA ASP A 217 4.38 -6.43 13.06
C ASP A 217 3.25 -6.60 14.08
N VAL A 218 3.10 -7.79 14.65
CA VAL A 218 2.02 -8.07 15.57
C VAL A 218 2.35 -7.48 16.93
N THR A 219 1.33 -7.38 17.80
CA THR A 219 1.55 -6.79 19.12
C THR A 219 2.35 -7.73 20.02
N ALA A 220 1.96 -9.01 20.09
CA ALA A 220 2.56 -9.93 21.05
C ALA A 220 2.36 -11.35 20.58
N ILE A 221 3.10 -12.27 21.21
CA ILE A 221 3.06 -13.70 20.93
C ILE A 221 2.57 -14.42 22.18
N ILE A 222 1.56 -15.27 22.04
CA ILE A 222 1.04 -16.03 23.16
C ILE A 222 1.63 -17.43 23.16
N PHE A 223 2.74 -17.62 23.85
CA PHE A 223 3.35 -18.94 23.96
C PHE A 223 2.60 -19.77 24.99
N VAL A 224 2.52 -21.08 24.77
CA VAL A 224 1.82 -21.99 25.66
C VAL A 224 2.70 -23.19 25.97
N VAL A 225 2.70 -23.63 27.23
CA VAL A 225 3.48 -24.78 27.69
C VAL A 225 2.60 -25.62 28.63
N ASP A 226 2.75 -26.94 28.52
CA ASP A 226 2.15 -27.90 29.46
C ASP A 226 3.21 -28.33 30.46
N SER A 227 3.10 -27.83 31.69
CA SER A 227 4.05 -28.12 32.75
C SER A 227 3.48 -29.22 33.64
N SER A 228 3.42 -30.44 33.11
CA SER A 228 3.07 -31.60 33.93
C SER A 228 3.98 -32.77 33.58
N ASP A 229 4.72 -32.65 32.48
CA ASP A 229 5.37 -33.81 31.89
C ASP A 229 6.75 -34.04 32.49
N TYR A 230 7.48 -32.97 32.79
CA TYR A 230 8.77 -32.98 33.48
C TYR A 230 9.92 -33.56 32.66
N ASN A 231 9.64 -34.15 31.50
CA ASN A 231 10.71 -34.69 30.68
C ASN A 231 10.72 -34.10 29.28
N ARG A 232 9.54 -33.83 28.73
CA ARG A 232 9.42 -33.15 27.45
C ARG A 232 9.27 -31.65 27.66
N LEU A 233 10.17 -31.12 28.48
CA LEU A 233 10.26 -29.68 28.74
C LEU A 233 11.58 -29.08 28.30
N GLN A 234 12.63 -29.88 28.13
CA GLN A 234 13.84 -29.37 27.49
C GLN A 234 13.55 -28.95 26.07
N GLU A 235 12.68 -29.68 25.38
CA GLU A 235 12.26 -29.27 24.04
C GLU A 235 11.55 -27.93 24.08
N ALA A 236 10.68 -27.74 25.07
CA ALA A 236 9.99 -26.46 25.21
C ALA A 236 10.96 -25.33 25.50
N LEU A 237 11.95 -25.58 26.35
CA LEU A 237 12.95 -24.57 26.65
C LEU A 237 13.74 -24.20 25.42
N ASN A 238 14.14 -25.20 24.63
CA ASN A 238 14.84 -24.90 23.37
C ASN A 238 13.96 -24.14 22.40
N ASP A 239 12.66 -24.48 22.34
CA ASP A 239 11.75 -23.77 21.45
C ASP A 239 11.62 -22.30 21.86
N PHE A 240 11.48 -22.05 23.16
CA PHE A 240 11.41 -20.68 23.65
C PHE A 240 12.71 -19.93 23.35
N LYS A 241 13.84 -20.58 23.56
CA LYS A 241 15.13 -19.94 23.28
C LYS A 241 15.28 -19.62 21.80
N SER A 242 14.69 -20.46 20.93
CA SER A 242 14.77 -20.18 19.49
C SER A 242 13.85 -19.05 19.08
N ILE A 243 12.63 -19.02 19.64
CA ILE A 243 11.67 -18.00 19.26
C ILE A 243 12.10 -16.63 19.77
N TRP A 244 12.58 -16.56 21.01
CA TRP A 244 12.92 -15.27 21.61
C TRP A 244 14.04 -14.59 20.84
N ASN A 245 15.02 -15.36 20.39
CA ASN A 245 16.25 -14.80 19.83
C ASN A 245 16.24 -14.72 18.31
N ASN A 246 15.11 -14.96 17.66
CA ASN A 246 15.04 -14.84 16.20
C ASN A 246 15.27 -13.40 15.77
N ARG A 247 16.03 -13.24 14.69
CA ARG A 247 16.44 -11.90 14.27
C ARG A 247 15.26 -11.07 13.79
N TRP A 248 14.24 -11.72 13.24
CA TRP A 248 13.05 -11.00 12.79
C TRP A 248 12.03 -10.79 13.89
N LEU A 249 12.21 -11.43 15.04
CA LEU A 249 11.22 -11.41 16.11
C LEU A 249 11.60 -10.46 17.24
N ARG A 250 12.59 -9.60 17.01
CA ARG A 250 12.91 -8.57 17.97
C ARG A 250 11.75 -7.58 18.07
N THR A 251 11.74 -6.81 19.17
CA THR A 251 10.79 -5.72 19.36
C THR A 251 9.38 -6.29 19.53
N ILE A 252 9.26 -7.62 19.57
CA ILE A 252 7.98 -8.28 19.82
C ILE A 252 8.02 -8.87 21.22
N SER A 253 7.14 -8.37 22.09
CA SER A 253 7.02 -8.89 23.44
C SER A 253 6.24 -10.19 23.43
N VAL A 254 6.63 -11.12 24.30
CA VAL A 254 6.05 -12.44 24.33
C VAL A 254 5.34 -12.66 25.65
N ILE A 255 4.11 -13.17 25.58
CA ILE A 255 3.31 -13.51 26.74
C ILE A 255 3.38 -15.01 26.94
N LEU A 256 3.93 -15.44 28.07
CA LEU A 256 4.12 -16.86 28.33
C LEU A 256 2.94 -17.37 29.15
N PHE A 257 2.45 -18.55 28.80
CA PHE A 257 1.37 -19.21 29.52
C PHE A 257 1.86 -20.55 30.01
N LEU A 258 1.50 -20.89 31.25
CA LEU A 258 1.81 -22.19 31.84
C LEU A 258 0.48 -22.88 32.12
N ASN A 259 0.20 -23.94 31.35
CA ASN A 259 -1.13 -24.53 31.32
C ASN A 259 -1.18 -25.85 32.07
N LYS A 260 -2.41 -26.27 32.38
CA LYS A 260 -2.70 -27.54 33.03
C LYS A 260 -1.91 -27.68 34.34
N GLN A 261 -2.14 -26.71 35.22
CA GLN A 261 -1.51 -26.71 36.53
C GLN A 261 -2.15 -27.70 37.49
N ASP A 262 -3.44 -28.00 37.31
CA ASP A 262 -4.09 -28.98 38.19
C ASP A 262 -3.49 -30.36 38.00
N LEU A 263 -3.05 -30.69 36.79
CA LEU A 263 -2.38 -31.97 36.57
C LEU A 263 -1.06 -32.03 37.33
N LEU A 264 -0.34 -30.92 37.40
CA LEU A 264 0.89 -30.89 38.19
C LEU A 264 0.60 -31.18 39.66
N ALA A 265 -0.46 -30.60 40.20
CA ALA A 265 -0.84 -30.89 41.58
C ALA A 265 -1.25 -32.34 41.75
N GLU A 266 -2.05 -32.87 40.82
CA GLU A 266 -2.50 -34.25 40.91
C GLU A 266 -1.39 -35.24 40.65
N LYS A 267 -0.23 -34.79 40.17
CA LYS A 267 0.90 -35.66 39.91
C LYS A 267 1.98 -35.54 40.98
N VAL A 268 1.87 -34.57 41.88
CA VAL A 268 2.98 -34.28 42.80
C VAL A 268 2.62 -34.63 44.24
N LEU A 269 1.35 -34.92 44.50
CA LEU A 269 0.96 -35.31 45.86
C LEU A 269 1.18 -36.80 46.10
N ALA A 270 1.54 -37.55 45.06
CA ALA A 270 1.76 -38.98 45.15
C ALA A 270 3.23 -39.37 45.07
N GLY A 271 4.06 -38.52 44.48
CA GLY A 271 5.49 -38.80 44.38
C GLY A 271 5.81 -39.92 43.42
N SER A 273 7.29 -40.71 40.55
CA SER A 273 7.51 -39.72 39.49
C SER A 273 7.72 -38.34 40.08
N LYS A 274 8.98 -37.94 40.19
CA LYS A 274 9.35 -36.62 40.71
C LYS A 274 10.05 -35.82 39.64
N ILE A 275 10.41 -34.58 39.99
CA ILE A 275 11.17 -33.72 39.10
C ILE A 275 12.67 -33.91 39.28
N GLU A 276 13.11 -34.46 40.41
CA GLU A 276 14.53 -34.74 40.63
C GLU A 276 15.05 -35.78 39.64
N ASP A 277 14.17 -36.60 39.08
CA ASP A 277 14.60 -37.61 38.12
C ASP A 277 15.22 -36.97 36.88
N TYR A 278 14.63 -35.87 36.40
CA TYR A 278 15.09 -35.20 35.19
C TYR A 278 15.81 -33.89 35.45
N PHE A 279 15.55 -33.23 36.58
CA PHE A 279 16.18 -31.96 36.92
C PHE A 279 16.88 -32.12 38.26
N PRO A 280 18.15 -32.53 38.28
CA PRO A 280 18.84 -32.74 39.56
C PRO A 280 18.96 -31.48 40.40
N GLU A 281 19.06 -30.30 39.77
CA GLU A 281 19.27 -29.06 40.51
C GLU A 281 18.02 -28.59 41.25
N PHE A 282 16.91 -29.32 41.17
CA PHE A 282 15.74 -28.98 41.96
C PHE A 282 16.01 -29.12 43.45
N ALA A 283 16.97 -29.96 43.83
CA ALA A 283 17.27 -30.20 45.24
C ALA A 283 17.82 -28.97 45.95
N ARG A 284 18.44 -28.05 45.23
CA ARG A 284 19.05 -26.87 45.83
C ARG A 284 18.23 -25.61 45.54
N TYR A 285 16.94 -25.78 45.31
CA TYR A 285 16.05 -24.67 44.99
C TYR A 285 15.17 -24.35 46.20
N THR A 286 15.12 -23.08 46.56
CA THR A 286 14.29 -22.59 47.66
C THR A 286 13.29 -21.60 47.11
N THR A 287 12.08 -21.60 47.67
CA THR A 287 11.04 -20.68 47.26
C THR A 287 11.48 -19.26 47.55
N PRO A 288 11.48 -18.37 46.57
CA PRO A 288 11.90 -17.00 46.81
C PRO A 288 10.89 -16.26 47.69
N GLU A 289 11.36 -15.21 48.36
CA GLU A 289 10.54 -14.52 49.34
C GLU A 289 9.35 -13.83 48.68
N ASP A 290 9.49 -13.44 47.41
CA ASP A 290 8.42 -12.72 46.73
C ASP A 290 7.27 -13.63 46.31
N ALA A 291 7.43 -14.95 46.43
CA ALA A 291 6.37 -15.87 46.02
C ALA A 291 5.14 -15.69 46.88
N THR A 292 3.97 -15.75 46.24
CA THR A 292 2.69 -15.61 46.92
C THR A 292 1.78 -16.77 46.53
N PRO A 293 1.97 -17.96 47.11
CA PRO A 293 1.09 -19.08 46.78
C PRO A 293 -0.36 -18.81 47.13
N GLU A 294 -1.20 -18.69 46.10
CA GLU A 294 -2.63 -18.50 46.34
C GLU A 294 -3.29 -19.70 47.01
N PRO A 295 -3.16 -20.93 46.51
CA PRO A 295 -3.88 -22.05 47.16
C PRO A 295 -3.35 -22.39 48.54
N GLY A 296 -2.03 -22.52 48.69
CA GLY A 296 -1.44 -22.96 49.93
C GLY A 296 -1.60 -24.44 50.21
N GLU A 297 -1.93 -25.25 49.21
CA GLU A 297 -2.22 -26.66 49.44
C GLU A 297 -0.98 -27.41 49.93
N ASP A 298 0.18 -27.11 49.37
CA ASP A 298 1.41 -27.80 49.78
C ASP A 298 2.60 -26.93 49.40
N PRO A 299 3.53 -26.71 50.32
CA PRO A 299 4.75 -25.95 50.00
C PRO A 299 5.55 -26.53 48.83
N ARG A 300 5.59 -27.85 48.70
CA ARG A 300 6.35 -28.45 47.61
C ARG A 300 5.72 -28.13 46.27
N VAL A 301 4.39 -28.06 46.22
CA VAL A 301 3.70 -27.66 44.99
C VAL A 301 4.20 -26.30 44.54
N THR A 302 4.19 -25.33 45.45
CA THR A 302 4.63 -23.98 45.13
C THR A 302 6.11 -23.96 44.77
N ARG A 303 6.93 -24.73 45.47
CA ARG A 303 8.36 -24.75 45.18
C ARG A 303 8.61 -25.23 43.75
N ALA A 304 7.98 -26.35 43.37
CA ALA A 304 8.17 -26.87 42.01
C ALA A 304 7.60 -25.92 40.97
N LYS A 305 6.43 -25.35 41.24
CA LYS A 305 5.79 -24.42 40.32
C LYS A 305 6.72 -23.24 40.04
N TYR A 306 7.20 -22.58 41.09
CA TYR A 306 8.06 -21.43 40.89
C TYR A 306 9.43 -21.83 40.35
N PHE A 307 9.86 -23.06 40.58
CA PHE A 307 11.08 -23.54 39.95
C PHE A 307 10.93 -23.56 38.44
N ILE A 308 9.81 -24.10 37.96
CA ILE A 308 9.57 -24.14 36.52
C ILE A 308 9.43 -22.72 35.96
N ARG A 309 8.71 -21.86 36.68
CA ARG A 309 8.56 -20.47 36.25
C ARG A 309 9.91 -19.78 36.10
N ASP A 310 10.77 -19.91 37.12
CA ASP A 310 12.08 -19.27 37.05
C ASP A 310 12.94 -19.89 35.96
N GLU A 311 12.81 -21.19 35.75
CA GLU A 311 13.58 -21.86 34.72
C GLU A 311 13.22 -21.31 33.34
N PHE A 312 11.93 -21.06 33.11
CA PHE A 312 11.55 -20.42 31.86
C PHE A 312 12.01 -18.97 31.79
N LEU A 313 11.90 -18.25 32.91
CA LEU A 313 12.20 -16.81 32.92
C LEU A 313 13.68 -16.51 32.78
N ARG A 314 14.55 -17.45 33.11
CA ARG A 314 15.98 -17.21 32.98
C ARG A 314 16.37 -16.95 31.52
N ILE A 315 15.59 -17.51 30.57
CA ILE A 315 15.93 -17.35 29.16
C ILE A 315 15.79 -15.91 28.71
N SER A 316 14.69 -15.26 29.09
CA SER A 316 14.43 -13.90 28.62
C SER A 316 15.38 -12.90 29.26
N THR A 317 15.78 -13.14 30.50
CA THR A 317 16.61 -12.19 31.23
C THR A 317 18.01 -12.01 30.65
N ALA A 318 18.59 -13.07 30.07
CA ALA A 318 19.95 -13.00 29.54
C ALA A 318 20.09 -12.09 28.34
N SER A 319 18.98 -11.67 27.73
CA SER A 319 19.03 -10.80 26.55
C SER A 319 17.76 -9.95 26.53
N GLY A 320 17.49 -9.35 25.37
CA GLY A 320 16.33 -8.52 25.17
C GLY A 320 16.59 -7.04 25.34
N ASP A 321 17.69 -6.69 26.01
CA ASP A 321 18.27 -5.34 26.08
C ASP A 321 17.20 -4.23 26.04
N GLY A 322 16.17 -4.40 26.86
CA GLY A 322 15.17 -3.35 27.07
C GLY A 322 14.35 -3.00 25.85
N ARG A 323 14.04 -3.97 25.00
CA ARG A 323 13.15 -3.75 23.87
C ARG A 323 11.88 -4.59 23.92
N HIS A 324 11.93 -5.75 24.58
CA HIS A 324 10.77 -6.61 24.70
C HIS A 324 10.92 -7.49 25.94
N TYR A 325 9.79 -7.94 26.46
CA TYR A 325 9.71 -8.53 27.80
C TYR A 325 9.05 -9.91 27.77
N CYS A 326 8.77 -10.44 28.96
CA CYS A 326 8.10 -11.71 29.15
C CYS A 326 7.14 -11.60 30.33
N TYR A 327 5.92 -12.12 30.16
CA TYR A 327 4.83 -11.91 31.12
C TYR A 327 4.25 -13.25 31.55
N PRO A 328 4.92 -13.98 32.44
CA PRO A 328 4.47 -15.33 32.77
C PRO A 328 3.13 -15.34 33.49
N HIS A 329 2.53 -16.52 33.54
CA HIS A 329 1.22 -16.70 34.14
C HIS A 329 1.07 -18.16 34.57
N PHE A 330 0.04 -18.41 35.39
CA PHE A 330 -0.30 -19.76 35.85
C PHE A 330 -1.73 -20.06 35.44
N THR A 331 -1.90 -20.90 34.43
CA THR A 331 -3.20 -21.20 33.86
C THR A 331 -3.51 -22.69 33.96
N CYS A 332 -4.80 -23.00 33.93
CA CYS A 332 -5.29 -24.37 33.91
C CYS A 332 -6.23 -24.52 32.73
N SER A 333 -6.95 -25.64 32.71
CA SER A 333 -7.87 -25.93 31.61
C SER A 333 -8.92 -24.83 31.45
N VAL A 334 -9.73 -24.60 32.47
CA VAL A 334 -10.81 -23.63 32.43
C VAL A 334 -10.38 -22.42 33.24
N ASP A 335 -10.09 -21.31 32.56
CA ASP A 335 -9.71 -20.05 33.18
C ASP A 335 -10.39 -18.93 32.41
N THR A 336 -11.49 -18.42 32.94
CA THR A 336 -12.25 -17.37 32.25
C THR A 336 -11.74 -15.99 32.66
N GLU A 337 -10.41 -15.85 32.64
CA GLU A 337 -9.77 -14.58 32.90
C GLU A 337 -8.57 -14.37 31.98
N ASN A 338 -8.38 -15.29 31.03
CA ASN A 338 -7.26 -15.20 30.12
C ASN A 338 -7.36 -13.98 29.22
N ALA A 339 -8.59 -13.63 28.80
CA ALA A 339 -8.78 -12.45 27.97
C ALA A 339 -8.32 -11.18 28.71
N ARG A 340 -8.66 -11.07 29.99
CA ARG A 340 -8.23 -9.91 30.76
C ARG A 340 -6.72 -9.86 30.91
N ARG A 341 -6.09 -11.02 31.11
CA ARG A 341 -4.63 -11.04 31.19
C ARG A 341 -4.00 -10.57 29.89
N ILE A 342 -4.53 -11.03 28.76
CA ILE A 342 -4.01 -10.58 27.46
C ILE A 342 -4.20 -9.09 27.30
N PHE A 343 -5.38 -8.58 27.66
CA PHE A 343 -5.67 -7.15 27.53
C PHE A 343 -4.70 -6.32 28.35
N ASN A 344 -4.49 -6.70 29.61
CA ASN A 344 -3.60 -5.93 30.48
C ASN A 344 -2.16 -5.98 30.00
N ASP A 345 -1.71 -7.16 29.58
CA ASP A 345 -0.34 -7.27 29.08
C ASP A 345 -0.15 -6.42 27.83
N CYS A 346 -1.12 -6.45 26.91
CA CYS A 346 -1.00 -5.64 25.71
C CYS A 346 -1.00 -4.14 26.04
N ARG A 347 -1.84 -3.72 26.99
CA ARG A 347 -1.86 -2.32 27.37
C ARG A 347 -0.52 -1.87 27.93
N ASP A 348 0.05 -2.75 28.75
CA ASP A 348 1.36 -2.51 29.40
C ASP A 348 2.54 -2.65 28.42
N ILE A 349 2.38 -3.24 27.26
CA ILE A 349 3.36 -3.26 26.17
C ILE A 349 3.27 -2.01 25.32
N ILE A 350 2.06 -1.60 24.93
CA ILE A 350 1.90 -0.40 24.12
C ILE A 350 2.33 0.83 24.88
N GLN A 351 2.00 0.93 26.17
CA GLN A 351 2.41 2.09 26.95
C GLN A 351 3.93 2.20 27.03
N ARG A 352 4.60 1.07 27.25
CA ARG A 352 6.06 1.11 27.30
C ARG A 352 6.64 1.50 25.95
N MET A 353 6.05 1.01 24.86
CA MET A 353 6.53 1.37 23.53
C MET A 353 6.42 2.87 23.27
N HIS A 354 5.27 3.45 23.58
CA HIS A 354 5.09 4.88 23.34
C HIS A 354 6.01 5.71 24.23
N LEU A 355 6.17 5.31 25.49
CA LEU A 355 7.08 6.04 26.38
C LEU A 355 8.51 5.98 25.86
N ARG A 356 8.92 4.84 25.31
CA ARG A 356 10.24 4.74 24.69
C ARG A 356 10.34 5.67 23.49
N GLN A 357 9.27 5.75 22.70
CA GLN A 357 9.28 6.58 21.50
C GLN A 357 9.41 8.06 21.83
N TYR A 358 8.69 8.53 22.83
CA TYR A 358 8.59 9.96 23.14
C TYR A 358 9.62 10.42 24.15
N GLU A 359 10.71 9.66 24.34
CA GLU A 359 11.80 10.05 25.23
C GLU A 359 11.33 10.29 26.66
N LEU A 360 10.54 9.37 27.19
CA LEU A 360 10.11 9.43 28.58
C LEU A 360 10.59 8.26 29.43
N LEU A 361 11.05 7.17 28.81
CA LEU A 361 11.77 6.13 29.55
C LEU A 361 13.27 6.31 29.35
N GLU B 21 22.92 -53.25 4.25
CA GLU B 21 22.45 -52.24 5.19
C GLU B 21 22.40 -50.87 4.53
N LEU B 22 23.52 -50.16 4.55
CA LEU B 22 23.62 -48.84 3.93
C LEU B 22 24.92 -48.64 3.17
N ASP B 23 25.79 -49.67 3.08
CA ASP B 23 27.06 -49.50 2.39
C ASP B 23 26.86 -49.43 0.87
N GLN B 24 25.76 -50.01 0.38
CA GLN B 24 25.52 -50.03 -1.06
C GLN B 24 25.18 -48.65 -1.59
N LEU B 25 24.47 -47.85 -0.79
CA LEU B 25 23.96 -46.57 -1.28
C LEU B 25 25.08 -45.56 -1.46
N ARG B 26 25.95 -45.41 -0.44
CA ARG B 26 27.00 -44.41 -0.51
C ARG B 26 28.04 -44.77 -1.57
N GLN B 27 28.29 -46.07 -1.77
CA GLN B 27 29.23 -46.47 -2.83
C GLN B 27 28.76 -45.95 -4.17
N GLU B 28 27.50 -46.20 -4.53
CA GLU B 28 26.95 -45.65 -5.76
C GLU B 28 26.92 -44.14 -5.73
N ALA B 29 26.76 -43.56 -4.55
CA ALA B 29 26.74 -42.10 -4.43
C ALA B 29 28.06 -41.50 -4.90
N GLU B 30 29.18 -41.88 -4.28
CA GLU B 30 30.46 -41.32 -4.71
C GLU B 30 30.84 -41.81 -6.10
N GLN B 31 30.37 -43.00 -6.51
CA GLN B 31 30.58 -43.43 -7.88
C GLN B 31 30.02 -42.43 -8.86
N LEU B 32 28.74 -42.07 -8.70
CA LEU B 32 28.11 -41.10 -9.59
C LEU B 32 28.76 -39.72 -9.43
N LYS B 33 29.12 -39.36 -8.20
CA LYS B 33 29.75 -38.05 -7.97
C LYS B 33 31.03 -37.90 -8.77
N ASN B 34 31.91 -38.90 -8.69
CA ASN B 34 33.17 -38.83 -9.44
C ASN B 34 32.95 -39.05 -10.93
N GLN B 35 31.87 -39.75 -11.30
CA GLN B 35 31.58 -39.95 -12.72
C GLN B 35 31.16 -38.64 -13.37
N ILE B 36 30.42 -37.79 -12.63
CA ILE B 36 29.92 -36.54 -13.20
C ILE B 36 30.86 -35.36 -13.00
N ARG B 37 31.50 -35.23 -11.83
CA ARG B 37 32.22 -34.01 -11.52
C ARG B 37 33.51 -33.89 -12.32
N ASP B 38 34.16 -35.02 -12.64
CA ASP B 38 35.38 -34.94 -13.44
C ASP B 38 35.09 -34.40 -14.84
N ALA B 39 34.03 -34.91 -15.48
CA ALA B 39 33.64 -34.39 -16.79
C ALA B 39 33.20 -32.94 -16.69
N ARG B 40 32.43 -32.59 -15.65
CA ARG B 40 31.97 -31.22 -15.50
C ARG B 40 33.15 -30.26 -15.35
N LYS B 41 34.15 -30.63 -14.55
CA LYS B 41 35.32 -29.79 -14.39
C LYS B 41 36.16 -29.73 -15.66
N ALA B 42 36.29 -30.86 -16.37
CA ALA B 42 37.09 -30.87 -17.58
C ALA B 42 36.47 -30.02 -18.67
N CYS B 43 35.14 -29.93 -18.70
CA CYS B 43 34.48 -29.15 -19.75
C CYS B 43 34.76 -27.65 -19.60
N ALA B 44 35.10 -27.22 -18.39
CA ALA B 44 35.34 -25.79 -18.14
C ALA B 44 36.69 -25.36 -18.68
N ASP B 45 36.74 -24.92 -19.94
CA ASP B 45 38.00 -24.50 -20.53
C ASP B 45 38.52 -23.22 -19.88
N ALA B 46 37.68 -22.20 -19.78
CA ALA B 46 38.12 -20.92 -19.24
C ALA B 46 36.90 -20.14 -18.77
N THR B 47 37.16 -19.14 -17.93
CA THR B 47 36.09 -18.30 -17.40
C THR B 47 35.62 -17.31 -18.46
N LEU B 48 34.38 -16.84 -18.29
CA LEU B 48 33.82 -15.85 -19.20
C LEU B 48 34.54 -14.50 -19.10
N SER B 49 35.28 -14.28 -18.00
CA SER B 49 35.96 -13.00 -17.81
C SER B 49 37.00 -12.75 -18.90
N GLN B 50 37.75 -13.79 -19.27
CA GLN B 50 38.79 -13.63 -20.28
C GLN B 50 38.20 -13.17 -21.60
N ILE B 51 37.07 -13.77 -22.01
CA ILE B 51 36.44 -13.38 -23.27
C ILE B 51 35.83 -11.98 -23.15
N THR B 52 35.14 -11.71 -22.04
CA THR B 52 34.41 -10.46 -21.89
C THR B 52 35.31 -9.26 -21.62
N ASN B 53 36.58 -9.47 -21.28
CA ASN B 53 37.47 -8.36 -20.99
C ASN B 53 37.59 -7.41 -22.19
N ASN B 54 37.56 -7.95 -23.40
CA ASN B 54 37.84 -7.13 -24.58
C ASN B 54 36.67 -6.20 -24.91
N ILE B 55 35.45 -6.62 -24.58
CA ILE B 55 34.27 -5.81 -24.94
C ILE B 55 34.26 -4.52 -24.14
N ASP B 56 34.03 -3.41 -24.83
CA ASP B 56 33.91 -2.12 -24.18
C ASP B 56 32.65 -2.10 -23.32
N PRO B 57 32.79 -1.82 -22.03
CA PRO B 57 31.63 -1.76 -21.14
C PRO B 57 30.73 -0.57 -21.48
N VAL B 58 29.61 -0.49 -20.77
CA VAL B 58 28.63 0.55 -21.02
C VAL B 58 28.81 1.74 -20.09
N GLY B 59 29.65 1.62 -19.07
CA GLY B 59 29.94 2.79 -18.24
C GLY B 59 28.84 3.05 -17.24
N ARG B 60 28.57 4.34 -17.00
CA ARG B 60 27.74 4.78 -15.89
C ARG B 60 26.38 5.25 -16.39
N ILE B 61 25.32 4.78 -15.73
CA ILE B 61 23.95 4.99 -16.18
C ILE B 61 23.17 5.70 -15.08
N GLN B 62 22.28 6.61 -15.48
CA GLN B 62 21.35 7.26 -14.58
C GLN B 62 19.94 6.72 -14.81
N MET B 63 19.29 6.33 -13.73
CA MET B 63 17.87 6.04 -13.72
C MET B 63 17.19 6.93 -12.68
N ARG B 64 16.06 7.50 -13.06
CA ARG B 64 15.33 8.44 -12.22
C ARG B 64 13.92 7.95 -11.98
N THR B 65 13.40 8.25 -10.80
CA THR B 65 12.00 7.96 -10.50
C THR B 65 11.11 8.77 -11.43
N ARG B 66 10.14 8.12 -12.05
CA ARG B 66 9.22 8.80 -12.94
C ARG B 66 7.79 8.84 -12.45
N ARG B 67 7.39 7.90 -11.59
CA ARG B 67 6.12 7.98 -10.89
C ARG B 67 6.32 7.43 -9.48
N THR B 68 5.23 7.37 -8.73
CA THR B 68 5.21 6.67 -7.46
C THR B 68 3.77 6.29 -7.16
N LEU B 69 3.49 4.98 -7.20
CA LEU B 69 2.15 4.46 -6.97
C LEU B 69 1.95 4.26 -5.48
N ARG B 70 0.86 4.80 -4.94
CA ARG B 70 0.57 4.77 -3.53
C ARG B 70 -0.84 4.25 -3.32
N GLY B 71 -1.07 3.62 -2.17
CA GLY B 71 -2.41 3.15 -1.86
C GLY B 71 -2.48 1.85 -1.09
N HIS B 72 -1.35 1.18 -0.89
CA HIS B 72 -1.34 -0.04 -0.10
C HIS B 72 -1.13 0.28 1.37
N LEU B 73 -1.84 -0.45 2.23
CA LEU B 73 -1.77 -0.22 3.67
C LEU B 73 -0.53 -0.88 4.27
N ALA B 74 -0.41 -2.19 4.13
CA ALA B 74 0.68 -2.95 4.72
C ALA B 74 1.83 -3.09 3.73
N LYS B 75 2.74 -4.01 4.01
CA LYS B 75 3.86 -4.28 3.13
C LYS B 75 3.40 -4.96 1.84
N ILE B 76 4.32 -5.07 0.88
CA ILE B 76 4.03 -5.62 -0.44
C ILE B 76 5.02 -6.74 -0.72
N TYR B 77 4.53 -7.88 -1.20
CA TYR B 77 5.37 -9.03 -1.53
C TYR B 77 5.48 -9.36 -3.01
N ALA B 78 4.53 -8.96 -3.85
CA ALA B 78 4.59 -9.43 -5.23
C ALA B 78 4.10 -8.37 -6.19
N MET B 79 4.51 -8.52 -7.45
CA MET B 79 3.95 -7.77 -8.56
C MET B 79 4.25 -8.54 -9.84
N HIS B 80 3.49 -8.23 -10.90
CA HIS B 80 3.65 -8.90 -12.17
C HIS B 80 3.22 -7.98 -13.30
N TRP B 81 4.12 -7.72 -14.24
CA TRP B 81 3.79 -6.93 -15.41
C TRP B 81 2.87 -7.70 -16.34
N GLY B 82 2.02 -6.98 -17.06
CA GLY B 82 1.17 -7.59 -18.06
C GLY B 82 1.84 -7.62 -19.42
N THR B 83 1.21 -8.34 -20.36
CA THR B 83 1.68 -8.31 -21.73
C THR B 83 1.36 -6.98 -22.41
N ASP B 84 0.35 -6.26 -21.91
CA ASP B 84 -0.03 -4.98 -22.48
C ASP B 84 1.06 -3.95 -22.28
N SER B 85 2.03 -4.24 -21.41
CA SER B 85 3.16 -3.38 -21.06
C SER B 85 2.73 -2.12 -20.35
N ARG B 86 1.46 -2.03 -19.95
CA ARG B 86 0.94 -0.80 -19.36
C ARG B 86 0.20 -1.10 -18.06
N LEU B 87 -0.24 -2.33 -17.88
CA LEU B 87 -0.96 -2.74 -16.68
C LEU B 87 -0.06 -3.61 -15.79
N LEU B 88 -0.33 -3.56 -14.49
CA LEU B 88 0.39 -4.39 -13.53
C LEU B 88 -0.49 -4.60 -12.31
N VAL B 89 -0.14 -5.62 -11.52
CA VAL B 89 -0.92 -6.05 -10.37
C VAL B 89 0.02 -6.20 -9.17
N SER B 90 -0.53 -6.04 -7.97
CA SER B 90 0.23 -6.22 -6.74
C SER B 90 -0.67 -6.70 -5.61
N ALA B 91 -0.07 -7.41 -4.66
CA ALA B 91 -0.78 -7.98 -3.53
C ALA B 91 -0.12 -7.56 -2.23
N SER B 92 -0.91 -7.40 -1.17
CA SER B 92 -0.42 -6.89 0.09
C SER B 92 -0.99 -7.70 1.26
N GLN B 93 -0.37 -7.53 2.43
CA GLN B 93 -0.82 -8.15 3.67
C GLN B 93 -2.12 -7.61 4.23
N ASP B 94 -2.58 -6.43 3.81
CA ASP B 94 -3.91 -6.08 4.27
C ASP B 94 -5.00 -6.86 3.55
N GLY B 95 -4.63 -7.74 2.62
CA GLY B 95 -5.58 -8.54 1.89
C GLY B 95 -6.14 -7.83 0.68
N LYS B 96 -5.27 -7.31 -0.19
CA LYS B 96 -5.70 -6.51 -1.31
C LYS B 96 -4.94 -6.86 -2.57
N LEU B 97 -5.67 -6.99 -3.68
CA LEU B 97 -5.12 -6.96 -5.02
C LEU B 97 -5.62 -5.68 -5.69
N ILE B 98 -4.69 -4.92 -6.26
CA ILE B 98 -5.02 -3.68 -6.94
C ILE B 98 -4.39 -3.72 -8.33
N ILE B 99 -5.20 -3.42 -9.35
CA ILE B 99 -4.71 -3.39 -10.73
C ILE B 99 -4.54 -1.94 -11.15
N TRP B 100 -3.31 -1.55 -11.46
CA TRP B 100 -2.98 -0.17 -11.75
C TRP B 100 -3.03 0.11 -13.25
N ASP B 101 -2.71 1.36 -13.58
CA ASP B 101 -2.46 1.82 -14.94
C ASP B 101 -1.15 2.58 -14.91
N SER B 102 -0.09 1.97 -15.44
CA SER B 102 1.26 2.51 -15.27
C SER B 102 1.48 3.86 -15.93
N TYR B 103 0.63 4.25 -16.89
CA TYR B 103 0.85 5.49 -17.61
C TYR B 103 0.25 6.68 -16.86
N THR B 104 -1.06 6.63 -16.61
CA THR B 104 -1.78 7.71 -15.96
C THR B 104 -1.81 7.58 -14.45
N THR B 105 -1.10 6.61 -13.87
CA THR B 105 -1.02 6.38 -12.43
C THR B 105 -2.41 6.14 -11.84
N ASN B 106 -3.27 5.43 -12.56
CA ASN B 106 -4.63 5.19 -12.09
C ASN B 106 -4.76 3.81 -11.47
N LYS B 107 -5.94 3.55 -10.92
CA LYS B 107 -6.32 2.24 -10.42
C LYS B 107 -7.49 1.74 -11.25
N VAL B 108 -7.45 0.46 -11.62
CA VAL B 108 -8.47 -0.14 -12.46
C VAL B 108 -9.42 -1.01 -11.65
N HIS B 109 -8.89 -1.89 -10.81
CA HIS B 109 -9.67 -2.81 -10.01
C HIS B 109 -9.09 -2.88 -8.60
N ALA B 110 -9.97 -3.11 -7.62
CA ALA B 110 -9.54 -3.32 -6.23
C ALA B 110 -10.23 -4.56 -5.71
N ILE B 111 -9.48 -5.63 -5.50
CA ILE B 111 -10.01 -6.96 -5.22
C ILE B 111 -9.67 -7.30 -3.77
N PRO B 112 -10.65 -7.66 -2.94
CA PRO B 112 -10.35 -8.12 -1.59
C PRO B 112 -10.23 -9.64 -1.52
N LEU B 113 -9.23 -10.11 -0.76
CA LEU B 113 -8.95 -11.52 -0.64
C LEU B 113 -9.80 -12.14 0.45
N ARG B 114 -9.59 -13.44 0.70
CA ARG B 114 -10.18 -14.14 1.83
C ARG B 114 -9.19 -14.43 2.94
N SER B 115 -7.99 -14.88 2.60
CA SER B 115 -6.92 -15.09 3.56
C SER B 115 -5.87 -14.00 3.37
N SER B 116 -5.60 -13.26 4.43
CA SER B 116 -4.82 -12.05 4.33
C SER B 116 -3.33 -12.29 4.21
N TRP B 117 -2.85 -13.51 4.43
CA TRP B 117 -1.42 -13.81 4.34
C TRP B 117 -1.10 -14.35 2.94
N VAL B 118 -1.09 -13.43 1.97
CA VAL B 118 -0.80 -13.71 0.57
C VAL B 118 0.67 -13.47 0.33
N MET B 119 1.26 -14.24 -0.60
CA MET B 119 2.68 -14.18 -0.85
C MET B 119 3.06 -14.06 -2.31
N THR B 120 2.15 -14.36 -3.25
CA THR B 120 2.47 -14.30 -4.67
C THR B 120 1.22 -13.91 -5.46
N CYS B 121 1.45 -13.40 -6.67
CA CYS B 121 0.38 -13.12 -7.62
C CYS B 121 0.92 -13.30 -9.02
N ALA B 122 0.01 -13.44 -9.97
CA ALA B 122 0.37 -13.60 -11.38
C ALA B 122 -0.69 -12.95 -12.26
N TYR B 123 -0.27 -12.53 -13.45
CA TYR B 123 -1.13 -11.91 -14.44
C TYR B 123 -1.14 -12.78 -15.69
N ALA B 124 -2.32 -13.14 -16.17
CA ALA B 124 -2.40 -14.06 -17.29
C ALA B 124 -1.84 -13.41 -18.57
N PRO B 125 -1.13 -14.18 -19.39
CA PRO B 125 -0.58 -13.59 -20.63
C PRO B 125 -1.65 -13.05 -21.56
N SER B 126 -2.82 -13.68 -21.59
CA SER B 126 -3.94 -13.15 -22.34
C SER B 126 -4.67 -12.03 -21.60
N GLY B 127 -4.28 -11.74 -20.35
CA GLY B 127 -4.89 -10.67 -19.59
C GLY B 127 -6.29 -10.94 -19.09
N ASN B 128 -6.66 -12.19 -18.86
CA ASN B 128 -8.01 -12.52 -18.45
C ASN B 128 -8.13 -12.93 -16.99
N TYR B 129 -7.07 -13.43 -16.37
CA TYR B 129 -7.12 -13.96 -15.02
C TYR B 129 -5.94 -13.48 -14.19
N VAL B 130 -6.11 -13.55 -12.87
CA VAL B 130 -5.01 -13.45 -11.92
C VAL B 130 -5.16 -14.57 -10.91
N ALA B 131 -4.03 -14.97 -10.31
CA ALA B 131 -4.00 -16.03 -9.32
C ALA B 131 -3.11 -15.62 -8.15
N CYS B 132 -3.51 -16.02 -6.94
CA CYS B 132 -2.75 -15.70 -5.75
C CYS B 132 -2.93 -16.79 -4.71
N GLY B 133 -1.92 -16.96 -3.87
CA GLY B 133 -1.97 -17.92 -2.78
C GLY B 133 -0.82 -17.69 -1.82
N GLY B 134 -0.92 -18.35 -0.67
CA GLY B 134 0.04 -18.12 0.41
C GLY B 134 -0.09 -19.05 1.59
N LEU B 135 -0.10 -18.51 2.81
CA LEU B 135 -0.11 -19.33 4.01
C LEU B 135 -1.51 -19.89 4.28
N ASP B 136 -2.14 -20.45 3.26
CA ASP B 136 -3.37 -21.20 3.44
C ASP B 136 -3.42 -22.44 2.57
N ASN B 137 -2.32 -22.80 1.91
CA ASN B 137 -2.20 -24.01 1.10
C ASN B 137 -3.21 -24.02 -0.05
N ILE B 138 -3.57 -22.87 -0.57
CA ILE B 138 -4.57 -22.74 -1.63
C ILE B 138 -4.10 -21.69 -2.63
N CYS B 139 -4.35 -21.94 -3.91
CA CYS B 139 -4.15 -20.97 -4.98
C CYS B 139 -5.51 -20.67 -5.61
N SER B 140 -5.86 -19.39 -5.68
CA SER B 140 -7.17 -18.96 -6.17
C SER B 140 -7.06 -18.40 -7.57
N ILE B 141 -8.20 -18.35 -8.27
CA ILE B 141 -8.28 -17.83 -9.63
C ILE B 141 -9.42 -16.81 -9.69
N TYR B 142 -9.11 -15.60 -10.18
CA TYR B 142 -10.06 -14.51 -10.29
C TYR B 142 -10.28 -14.18 -11.76
N ASN B 143 -11.55 -14.05 -12.15
CA ASN B 143 -11.92 -13.83 -13.54
C ASN B 143 -12.26 -12.36 -13.76
N LEU B 144 -11.41 -11.65 -14.48
CA LEU B 144 -11.52 -10.21 -14.64
C LEU B 144 -12.62 -9.77 -15.60
N LYS B 145 -13.00 -10.62 -16.56
CA LYS B 145 -13.90 -10.25 -17.64
C LYS B 145 -15.21 -11.02 -17.46
N THR B 146 -16.25 -10.44 -16.98
CA THR B 146 -17.46 -11.17 -16.93
C THR B 146 -18.56 -10.28 -17.50
N ARG B 147 -19.79 -10.71 -17.45
CA ARG B 147 -20.97 -9.97 -17.90
C ARG B 147 -21.37 -8.93 -16.87
N GLU B 148 -21.34 -9.31 -15.59
CA GLU B 148 -21.55 -8.36 -14.51
C GLU B 148 -20.25 -7.63 -14.22
N GLY B 149 -20.33 -6.34 -13.92
CA GLY B 149 -19.13 -5.57 -13.70
C GLY B 149 -18.46 -5.88 -12.39
N ASN B 150 -17.88 -7.07 -12.27
CA ASN B 150 -17.24 -7.51 -11.05
C ASN B 150 -15.99 -8.32 -11.38
N VAL B 151 -15.19 -8.57 -10.35
CA VAL B 151 -14.12 -9.55 -10.40
C VAL B 151 -14.43 -10.59 -9.34
N ARG B 152 -14.58 -11.85 -9.77
CA ARG B 152 -15.02 -12.93 -8.91
C ARG B 152 -14.05 -14.09 -8.99
N VAL B 153 -14.08 -14.93 -7.97
CA VAL B 153 -13.28 -16.15 -7.95
C VAL B 153 -14.02 -17.22 -8.75
N SER B 154 -13.26 -18.05 -9.47
CA SER B 154 -13.84 -19.05 -10.35
C SER B 154 -13.32 -20.46 -10.11
N ARG B 155 -12.07 -20.63 -9.71
CA ARG B 155 -11.51 -21.95 -9.45
C ARG B 155 -10.47 -21.89 -8.34
N GLU B 156 -10.76 -22.49 -7.20
CA GLU B 156 -9.91 -22.40 -6.04
C GLU B 156 -9.25 -23.77 -5.82
N LEU B 157 -7.93 -23.80 -5.83
CA LEU B 157 -7.16 -25.04 -5.89
C LEU B 157 -6.76 -25.49 -4.50
N ALA B 158 -7.18 -26.69 -4.12
CA ALA B 158 -6.78 -27.31 -2.86
C ALA B 158 -6.03 -28.60 -3.16
N GLY B 159 -5.06 -28.91 -2.31
CA GLY B 159 -4.27 -30.13 -2.51
C GLY B 159 -2.84 -30.04 -2.05
N HIS B 160 -2.32 -28.82 -1.88
CA HIS B 160 -0.97 -28.66 -1.34
C HIS B 160 -1.01 -28.68 0.18
N THR B 161 0.12 -29.06 0.77
CA THR B 161 0.24 -29.15 2.22
C THR B 161 0.85 -27.91 2.85
N GLY B 162 1.93 -27.36 2.27
CA GLY B 162 2.56 -26.17 2.78
C GLY B 162 2.09 -24.90 2.08
N TYR B 163 2.74 -23.80 2.45
CA TYR B 163 2.39 -22.50 1.91
C TYR B 163 2.88 -22.37 0.47
N LEU B 164 2.12 -21.62 -0.33
CA LEU B 164 2.49 -21.33 -1.71
C LEU B 164 3.56 -20.25 -1.74
N SER B 165 4.66 -20.53 -2.45
CA SER B 165 5.73 -19.56 -2.54
C SER B 165 5.93 -18.98 -3.94
N CYS B 166 5.27 -19.54 -4.96
CA CYS B 166 5.36 -19.02 -6.32
C CYS B 166 4.21 -19.60 -7.14
N CYS B 167 3.91 -18.93 -8.25
CA CYS B 167 2.91 -19.43 -9.18
C CYS B 167 3.09 -18.74 -10.52
N ARG B 168 2.87 -19.47 -11.60
CA ARG B 168 3.02 -18.96 -12.96
C ARG B 168 1.95 -19.57 -13.85
N PHE B 169 1.68 -18.89 -14.96
CA PHE B 169 0.70 -19.34 -15.95
C PHE B 169 1.40 -19.90 -17.18
N LEU B 170 0.84 -20.99 -17.71
CA LEU B 170 1.22 -21.48 -19.04
C LEU B 170 0.26 -20.97 -20.11
N ASP B 171 -1.04 -21.07 -19.85
CA ASP B 171 -2.07 -20.55 -20.74
C ASP B 171 -3.31 -20.32 -19.90
N ASP B 172 -4.45 -20.20 -20.58
CA ASP B 172 -5.71 -19.95 -19.88
C ASP B 172 -6.17 -21.15 -19.07
N ASN B 173 -5.51 -22.29 -19.23
CA ASN B 173 -5.98 -23.54 -18.63
C ASN B 173 -4.93 -24.30 -17.83
N GLN B 174 -3.65 -24.00 -17.97
CA GLN B 174 -2.61 -24.74 -17.27
C GLN B 174 -1.76 -23.79 -16.43
N ILE B 175 -1.65 -24.10 -15.15
CA ILE B 175 -1.01 -23.23 -14.16
C ILE B 175 -0.03 -24.05 -13.34
N VAL B 176 1.13 -23.49 -13.03
CA VAL B 176 2.16 -24.16 -12.27
C VAL B 176 2.30 -23.44 -10.93
N THR B 177 2.27 -24.21 -9.84
CA THR B 177 2.35 -23.67 -8.48
C THR B 177 3.55 -24.27 -7.76
N SER B 178 4.11 -23.48 -6.86
CA SER B 178 5.24 -23.86 -6.04
C SER B 178 4.85 -23.72 -4.57
N SER B 179 5.17 -24.73 -3.77
CA SER B 179 4.63 -24.81 -2.42
C SER B 179 5.73 -25.10 -1.42
N GLY B 180 5.38 -24.93 -0.15
CA GLY B 180 6.28 -25.19 0.96
C GLY B 180 6.36 -26.64 1.39
N ASP B 181 5.64 -27.55 0.73
CA ASP B 181 5.69 -28.97 1.03
C ASP B 181 6.66 -29.70 0.11
N THR B 182 7.67 -29.01 -0.39
CA THR B 182 8.79 -29.58 -1.16
C THR B 182 8.37 -30.15 -2.50
N THR B 183 7.14 -29.91 -2.96
CA THR B 183 6.67 -30.47 -4.21
C THR B 183 6.08 -29.38 -5.10
N CYS B 184 6.44 -29.43 -6.38
CA CYS B 184 5.84 -28.61 -7.43
C CYS B 184 4.79 -29.44 -8.14
N ALA B 185 3.74 -28.77 -8.61
CA ALA B 185 2.61 -29.49 -9.18
C ALA B 185 2.02 -28.71 -10.35
N LEU B 186 1.83 -29.41 -11.46
CA LEU B 186 1.17 -28.87 -12.64
C LEU B 186 -0.32 -29.19 -12.54
N TRP B 187 -1.16 -28.19 -12.76
CA TRP B 187 -2.58 -28.29 -12.48
C TRP B 187 -3.38 -28.15 -13.76
N ASP B 188 -4.68 -28.37 -13.63
CA ASP B 188 -5.63 -28.23 -14.73
C ASP B 188 -6.81 -27.44 -14.20
N ILE B 189 -6.89 -26.17 -14.57
CA ILE B 189 -7.84 -25.25 -13.95
C ILE B 189 -9.28 -25.68 -14.23
N GLU B 190 -9.53 -26.26 -15.40
CA GLU B 190 -10.91 -26.58 -15.78
C GLU B 190 -11.54 -27.60 -14.83
N THR B 191 -10.79 -28.64 -14.46
CA THR B 191 -11.30 -29.66 -13.54
C THR B 191 -10.86 -29.45 -12.10
N GLY B 192 -9.80 -28.68 -11.88
CA GLY B 192 -9.34 -28.36 -10.54
C GLY B 192 -8.39 -29.38 -9.92
N GLN B 193 -8.07 -30.46 -10.64
CA GLN B 193 -7.22 -31.51 -10.11
C GLN B 193 -5.86 -31.44 -10.78
N GLN B 194 -4.82 -31.88 -10.08
CA GLN B 194 -3.49 -31.93 -10.66
C GLN B 194 -3.46 -32.90 -11.83
N THR B 195 -2.56 -32.62 -12.77
CA THR B 195 -2.25 -33.58 -13.82
C THR B 195 -0.83 -34.12 -13.70
N THR B 196 0.01 -33.49 -12.90
CA THR B 196 1.37 -33.96 -12.67
C THR B 196 1.81 -33.42 -11.32
N THR B 197 2.83 -34.07 -10.75
CA THR B 197 3.43 -33.62 -9.50
C THR B 197 4.91 -33.90 -9.56
N PHE B 198 5.71 -32.94 -9.10
CA PHE B 198 7.16 -33.02 -9.19
C PHE B 198 7.72 -33.18 -7.78
N THR B 199 8.60 -34.16 -7.60
CA THR B 199 9.22 -34.44 -6.33
C THR B 199 10.73 -34.54 -6.51
N GLY B 200 11.47 -34.30 -5.42
CA GLY B 200 12.91 -34.38 -5.48
C GLY B 200 13.62 -33.35 -4.64
N HIS B 201 12.86 -32.43 -4.04
CA HIS B 201 13.43 -31.38 -3.20
C HIS B 201 13.27 -31.76 -1.74
N THR B 202 14.37 -31.68 -0.98
CA THR B 202 14.32 -32.01 0.43
C THR B 202 13.68 -30.90 1.24
N GLY B 203 14.01 -29.64 0.93
CA GLY B 203 13.47 -28.51 1.64
C GLY B 203 12.38 -27.82 0.82
N ASP B 204 11.67 -26.90 1.48
CA ASP B 204 10.58 -26.20 0.81
C ASP B 204 11.11 -25.28 -0.27
N VAL B 205 10.42 -25.28 -1.41
CA VAL B 205 10.88 -24.54 -2.59
C VAL B 205 10.27 -23.14 -2.58
N MET B 206 11.04 -22.18 -3.09
CA MET B 206 10.70 -20.77 -2.97
C MET B 206 10.24 -20.11 -4.26
N SER B 207 10.75 -20.52 -5.42
CA SER B 207 10.42 -19.84 -6.67
C SER B 207 10.64 -20.78 -7.85
N LEU B 208 10.06 -20.40 -8.99
CA LEU B 208 10.22 -21.11 -10.24
C LEU B 208 10.15 -20.11 -11.38
N SER B 209 10.95 -20.35 -12.42
CA SER B 209 11.03 -19.46 -13.58
C SER B 209 10.65 -20.24 -14.84
N LEU B 210 9.71 -19.69 -15.60
CA LEU B 210 9.27 -20.35 -16.83
C LEU B 210 10.29 -20.16 -17.95
N ALA B 211 10.14 -20.97 -18.99
CA ALA B 211 10.92 -20.82 -20.20
C ALA B 211 10.12 -20.03 -21.23
N PRO B 212 10.81 -19.35 -22.16
CA PRO B 212 10.09 -18.61 -23.20
C PRO B 212 9.27 -19.49 -24.14
N ASP B 213 9.57 -20.78 -24.22
CA ASP B 213 8.81 -21.71 -25.05
C ASP B 213 7.77 -22.51 -24.28
N THR B 214 7.67 -22.33 -22.96
CA THR B 214 6.68 -22.99 -22.11
C THR B 214 6.73 -24.51 -22.24
N ARG B 215 7.95 -25.06 -22.22
CA ARG B 215 8.15 -26.50 -22.17
C ARG B 215 9.09 -26.94 -21.07
N LEU B 216 9.79 -26.02 -20.41
CA LEU B 216 10.68 -26.33 -19.31
C LEU B 216 10.58 -25.21 -18.29
N PHE B 217 11.01 -25.47 -17.06
CA PHE B 217 11.13 -24.42 -16.05
C PHE B 217 12.06 -24.88 -14.96
N VAL B 218 12.91 -23.96 -14.49
CA VAL B 218 13.81 -24.24 -13.39
C VAL B 218 13.10 -24.00 -12.06
N SER B 219 13.71 -24.51 -10.99
CA SER B 219 13.15 -24.40 -9.64
C SER B 219 14.25 -24.17 -8.63
N GLY B 220 13.93 -23.44 -7.58
CA GLY B 220 14.87 -23.18 -6.51
C GLY B 220 14.25 -23.45 -5.16
N ALA B 221 15.08 -23.90 -4.23
CA ALA B 221 14.59 -24.28 -2.92
C ALA B 221 15.57 -23.84 -1.85
N CYS B 222 15.22 -24.13 -0.60
CA CYS B 222 16.01 -23.73 0.56
C CYS B 222 17.23 -24.63 0.72
N ASP B 223 17.46 -25.52 -0.24
CA ASP B 223 18.49 -26.55 -0.13
C ASP B 223 19.77 -26.17 -0.87
N ALA B 224 19.88 -24.92 -1.34
CA ALA B 224 21.01 -24.45 -2.11
C ALA B 224 21.21 -25.25 -3.40
N SER B 225 20.12 -25.75 -3.97
CA SER B 225 20.18 -26.53 -5.19
C SER B 225 19.03 -26.14 -6.11
N ALA B 226 19.33 -26.07 -7.40
CA ALA B 226 18.35 -25.72 -8.42
C ALA B 226 18.23 -26.85 -9.44
N LYS B 227 17.00 -27.16 -9.84
CA LYS B 227 16.72 -28.28 -10.72
C LYS B 227 16.00 -27.80 -11.97
N LEU B 228 15.93 -28.69 -12.96
CA LEU B 228 15.28 -28.42 -14.23
C LEU B 228 14.13 -29.39 -14.42
N TRP B 229 12.96 -28.86 -14.80
CA TRP B 229 11.75 -29.66 -14.92
C TRP B 229 11.20 -29.58 -16.33
N ASP B 230 10.75 -30.73 -16.84
CA ASP B 230 10.10 -30.82 -18.14
C ASP B 230 8.63 -31.13 -17.92
N VAL B 231 7.76 -30.29 -18.49
CA VAL B 231 6.33 -30.39 -18.19
C VAL B 231 5.72 -31.63 -18.84
N ARG B 232 6.08 -31.90 -20.10
CA ARG B 232 5.39 -32.93 -20.87
C ARG B 232 5.57 -34.31 -20.26
N GLU B 233 6.80 -34.65 -19.86
CA GLU B 233 7.08 -35.94 -19.26
C GLU B 233 7.03 -35.93 -17.75
N GLY B 234 7.01 -34.76 -17.13
CA GLY B 234 6.86 -34.67 -15.68
C GLY B 234 8.02 -35.24 -14.90
N MET B 235 9.24 -35.10 -15.42
CA MET B 235 10.40 -35.72 -14.80
C MET B 235 11.59 -34.77 -14.92
N CYS B 236 12.41 -34.76 -13.86
CA CYS B 236 13.52 -33.82 -13.76
C CYS B 236 14.60 -34.14 -14.77
N ARG B 237 15.46 -33.15 -15.03
CA ARG B 237 16.50 -33.36 -16.03
C ARG B 237 17.91 -33.08 -15.52
N GLN B 238 18.07 -32.04 -14.70
CA GLN B 238 19.40 -31.61 -14.28
C GLN B 238 19.33 -30.99 -12.89
N THR B 239 20.50 -30.88 -12.27
CA THR B 239 20.61 -30.30 -10.93
C THR B 239 21.76 -29.30 -10.93
N PHE B 240 21.51 -28.12 -10.36
CA PHE B 240 22.51 -27.07 -10.27
C PHE B 240 22.77 -26.75 -8.80
N THR B 241 24.05 -26.75 -8.41
CA THR B 241 24.45 -26.49 -7.05
C THR B 241 25.63 -25.52 -7.04
N GLY B 242 25.89 -24.95 -5.87
CA GLY B 242 27.01 -24.03 -5.72
C GLY B 242 26.76 -22.91 -4.74
N HIS B 243 25.49 -22.60 -4.46
CA HIS B 243 25.17 -21.56 -3.50
C HIS B 243 25.40 -22.05 -2.08
N GLU B 244 25.82 -21.13 -1.20
CA GLU B 244 26.10 -21.49 0.18
C GLU B 244 24.86 -21.47 1.06
N SER B 245 23.80 -20.78 0.66
CA SER B 245 22.59 -20.68 1.45
C SER B 245 21.36 -20.87 0.57
N ASP B 246 20.20 -20.61 1.13
CA ASP B 246 18.94 -20.85 0.45
C ASP B 246 18.71 -19.85 -0.68
N ILE B 247 17.79 -20.19 -1.58
CA ILE B 247 17.50 -19.41 -2.77
C ILE B 247 16.06 -18.92 -2.69
N ASN B 248 15.88 -17.61 -2.86
CA ASN B 248 14.56 -17.00 -2.76
C ASN B 248 14.19 -16.11 -3.95
N ALA B 249 14.94 -16.16 -5.04
CA ALA B 249 14.58 -15.45 -6.26
C ALA B 249 15.37 -16.03 -7.42
N ILE B 250 14.67 -16.34 -8.51
CA ILE B 250 15.27 -16.91 -9.70
C ILE B 250 14.61 -16.29 -10.94
N CYS B 251 15.40 -16.07 -11.98
CA CYS B 251 14.93 -15.51 -13.23
C CYS B 251 15.63 -16.17 -14.40
N PHE B 252 14.95 -16.22 -15.53
CA PHE B 252 15.35 -17.01 -16.70
C PHE B 252 15.82 -16.09 -17.81
N PHE B 253 16.94 -16.44 -18.45
CA PHE B 253 17.53 -15.59 -19.48
C PHE B 253 16.60 -15.49 -20.68
N PRO B 254 16.54 -14.32 -21.33
CA PRO B 254 15.66 -14.15 -22.49
C PRO B 254 15.97 -15.08 -23.65
N ASN B 255 17.24 -15.49 -23.80
CA ASN B 255 17.59 -16.39 -24.89
C ASN B 255 16.88 -17.73 -24.75
N GLY B 256 16.80 -18.26 -23.53
CA GLY B 256 16.21 -19.56 -23.30
C GLY B 256 17.25 -20.61 -23.02
N ASN B 257 18.44 -20.17 -22.62
CA ASN B 257 19.56 -21.07 -22.36
C ASN B 257 20.29 -20.80 -21.06
N ALA B 258 19.80 -19.90 -20.22
CA ALA B 258 20.49 -19.56 -18.98
C ALA B 258 19.48 -19.03 -17.97
N PHE B 259 19.94 -18.88 -16.73
CA PHE B 259 19.15 -18.27 -15.69
C PHE B 259 20.06 -17.76 -14.58
N ALA B 260 19.52 -16.87 -13.76
CA ALA B 260 20.26 -16.28 -12.65
C ALA B 260 19.49 -16.48 -11.36
N THR B 261 20.21 -16.58 -10.25
CA THR B 261 19.62 -16.91 -8.96
C THR B 261 19.89 -15.83 -7.94
N GLY B 262 19.14 -15.89 -6.83
CA GLY B 262 19.30 -14.96 -5.73
C GLY B 262 19.26 -15.67 -4.39
N SER B 263 20.24 -15.41 -3.54
CA SER B 263 20.43 -16.15 -2.31
C SER B 263 20.36 -15.23 -1.10
N ASP B 264 20.57 -15.81 0.08
CA ASP B 264 20.62 -15.07 1.33
C ASP B 264 22.03 -14.76 1.79
N ASP B 265 23.04 -15.08 0.99
CA ASP B 265 24.44 -14.86 1.35
C ASP B 265 25.08 -13.75 0.52
N ALA B 266 24.27 -12.78 0.07
CA ALA B 266 24.75 -11.65 -0.73
C ALA B 266 25.49 -12.12 -1.99
N THR B 267 24.82 -12.97 -2.76
CA THR B 267 25.44 -13.56 -3.94
C THR B 267 24.38 -13.82 -5.00
N CYS B 268 24.74 -13.52 -6.25
CA CYS B 268 23.94 -13.87 -7.42
C CYS B 268 24.85 -14.54 -8.44
N ARG B 269 24.33 -15.59 -9.08
CA ARG B 269 25.12 -16.41 -9.99
C ARG B 269 24.42 -16.57 -11.32
N LEU B 270 25.20 -16.93 -12.33
CA LEU B 270 24.72 -17.20 -13.67
C LEU B 270 25.01 -18.66 -14.01
N PHE B 271 24.02 -19.34 -14.60
CA PHE B 271 24.13 -20.77 -14.87
C PHE B 271 23.79 -21.05 -16.32
N ASP B 272 24.35 -22.14 -16.85
CA ASP B 272 24.16 -22.56 -18.23
C ASP B 272 23.50 -23.93 -18.26
N LEU B 273 22.47 -24.06 -19.11
CA LEU B 273 21.72 -25.31 -19.18
C LEU B 273 22.53 -26.40 -19.85
N ARG B 274 22.90 -26.20 -21.12
CA ARG B 274 23.55 -27.26 -21.88
C ARG B 274 24.96 -27.54 -21.35
N ALA B 275 25.69 -26.51 -20.97
CA ALA B 275 27.06 -26.68 -20.49
C ALA B 275 27.12 -27.28 -19.09
N ASP B 276 26.06 -27.16 -18.29
CA ASP B 276 26.04 -27.65 -16.92
C ASP B 276 27.21 -27.10 -16.12
N GLN B 277 27.31 -25.77 -16.03
CA GLN B 277 28.45 -25.11 -15.39
C GLN B 277 27.90 -23.99 -14.51
N GLU B 278 28.83 -23.28 -13.87
CA GLU B 278 28.51 -22.08 -13.11
C GLU B 278 29.31 -20.92 -13.69
N LEU B 279 28.60 -19.86 -14.09
CA LEU B 279 29.22 -18.69 -14.69
C LEU B 279 29.54 -17.64 -13.64
N MET B 280 29.80 -16.40 -14.09
CA MET B 280 30.23 -15.33 -13.20
C MET B 280 29.32 -15.19 -11.98
N THR B 281 29.93 -14.82 -10.87
CA THR B 281 29.25 -14.56 -9.62
C THR B 281 29.35 -13.08 -9.27
N TYR B 282 28.22 -12.48 -8.91
CA TYR B 282 28.11 -11.04 -8.73
C TYR B 282 28.03 -10.73 -7.24
N SER B 283 29.19 -10.55 -6.61
CA SER B 283 29.26 -10.25 -5.19
C SER B 283 30.28 -9.16 -4.92
N HIS B 284 30.07 -8.42 -3.84
CA HIS B 284 30.97 -7.36 -3.43
C HIS B 284 31.19 -7.42 -1.92
N ASP B 285 32.32 -6.87 -1.49
CA ASP B 285 32.68 -6.90 -0.07
C ASP B 285 31.69 -6.11 0.76
N ASN B 286 31.31 -4.93 0.29
CA ASN B 286 30.51 -4.00 1.08
C ASN B 286 29.02 -4.36 1.12
N ILE B 287 28.68 -5.59 0.76
CA ILE B 287 27.29 -6.06 0.79
C ILE B 287 27.19 -7.21 1.77
N ILE B 288 26.27 -7.09 2.73
CA ILE B 288 26.08 -8.12 3.73
C ILE B 288 24.67 -8.70 3.73
N CYS B 289 23.66 -7.94 3.34
CA CYS B 289 22.29 -8.42 3.37
C CYS B 289 22.05 -9.44 2.26
N GLY B 290 20.81 -9.90 2.13
CA GLY B 290 20.51 -10.94 1.16
C GLY B 290 19.60 -10.52 0.02
N ILE B 291 19.88 -11.01 -1.18
CA ILE B 291 19.10 -10.65 -2.34
C ILE B 291 17.67 -11.16 -2.19
N THR B 292 16.72 -10.38 -2.68
CA THR B 292 15.32 -10.72 -2.59
C THR B 292 14.64 -10.90 -3.95
N SER B 293 15.15 -10.28 -5.01
CA SER B 293 14.57 -10.44 -6.33
C SER B 293 15.66 -10.25 -7.37
N VAL B 294 15.46 -10.86 -8.54
CA VAL B 294 16.37 -10.76 -9.66
C VAL B 294 15.57 -10.70 -10.96
N SER B 295 16.03 -9.86 -11.89
CA SER B 295 15.39 -9.74 -13.19
C SER B 295 16.41 -9.26 -14.21
N PHE B 296 16.11 -9.52 -15.49
CA PHE B 296 16.95 -9.13 -16.61
C PHE B 296 16.33 -7.97 -17.39
N SER B 297 17.06 -7.54 -18.42
CA SER B 297 16.58 -6.56 -19.39
C SER B 297 16.33 -7.25 -20.72
N LYS B 298 15.72 -6.53 -21.66
CA LYS B 298 15.22 -7.15 -22.88
C LYS B 298 16.34 -7.73 -23.74
N SER B 299 17.54 -7.15 -23.64
CA SER B 299 18.68 -7.67 -24.39
C SER B 299 19.62 -8.54 -23.58
N GLY B 300 19.37 -8.73 -22.30
CA GLY B 300 20.21 -9.57 -21.48
C GLY B 300 21.48 -8.91 -20.97
N ARG B 301 21.65 -7.61 -21.18
CA ARG B 301 22.89 -6.97 -20.78
C ARG B 301 22.86 -6.53 -19.32
N LEU B 302 21.70 -6.18 -18.78
CA LEU B 302 21.60 -5.64 -17.44
C LEU B 302 20.88 -6.63 -16.53
N LEU B 303 21.34 -6.70 -15.28
CA LEU B 303 20.72 -7.51 -14.24
C LEU B 303 20.36 -6.60 -13.08
N LEU B 304 19.09 -6.59 -12.71
CA LEU B 304 18.57 -5.71 -11.66
C LEU B 304 18.13 -6.57 -10.48
N ALA B 305 18.84 -6.43 -9.36
CA ALA B 305 18.61 -7.26 -8.18
C ALA B 305 18.47 -6.38 -6.95
N GLY B 306 17.29 -6.38 -6.35
CA GLY B 306 17.08 -5.65 -5.12
C GLY B 306 17.70 -6.35 -3.92
N TYR B 307 18.03 -5.56 -2.90
CA TYR B 307 18.75 -6.05 -1.74
C TYR B 307 17.97 -5.70 -0.48
N ASP B 308 18.26 -6.41 0.61
CA ASP B 308 17.59 -6.15 1.87
C ASP B 308 18.06 -4.85 2.54
N ASP B 309 19.22 -4.33 2.15
CA ASP B 309 19.63 -3.03 2.69
C ASP B 309 19.01 -1.87 1.91
N PHE B 310 17.70 -1.96 1.71
CA PHE B 310 16.86 -0.84 1.30
C PHE B 310 17.16 -0.32 -0.10
N ASN B 311 18.16 -0.87 -0.78
CA ASN B 311 18.65 -0.33 -2.04
C ASN B 311 18.65 -1.39 -3.12
N CYS B 312 18.11 -1.04 -4.28
CA CYS B 312 18.28 -1.86 -5.47
C CYS B 312 19.65 -1.60 -6.09
N ASN B 313 20.09 -2.53 -6.93
CA ASN B 313 21.34 -2.38 -7.64
C ASN B 313 21.19 -2.91 -9.05
N VAL B 314 22.03 -2.41 -9.95
CA VAL B 314 22.05 -2.85 -11.34
C VAL B 314 23.49 -3.19 -11.72
N TRP B 315 23.66 -4.32 -12.41
CA TRP B 315 24.97 -4.85 -12.75
C TRP B 315 25.06 -5.01 -14.26
N ASP B 316 26.28 -5.07 -14.76
CA ASP B 316 26.54 -5.44 -16.14
C ASP B 316 26.70 -6.95 -16.21
N ALA B 317 25.81 -7.61 -16.95
CA ALA B 317 25.80 -9.07 -16.97
C ALA B 317 27.09 -9.63 -17.53
N LEU B 318 27.63 -9.00 -18.58
CA LEU B 318 28.80 -9.56 -19.24
C LEU B 318 30.08 -9.30 -18.45
N LYS B 319 30.17 -8.16 -17.77
CA LYS B 319 31.40 -7.78 -17.09
C LYS B 319 31.34 -7.92 -15.57
N ALA B 320 30.17 -8.19 -15.01
CA ALA B 320 30.01 -8.41 -13.58
C ALA B 320 30.54 -7.23 -12.77
N ASP B 321 30.09 -6.03 -13.13
CA ASP B 321 30.50 -4.80 -12.46
C ASP B 321 29.28 -3.95 -12.14
N ARG B 322 29.37 -3.21 -11.03
CA ARG B 322 28.31 -2.28 -10.69
C ARG B 322 28.32 -1.10 -11.64
N ALA B 323 27.13 -0.68 -12.07
CA ALA B 323 26.99 0.52 -12.89
C ALA B 323 25.79 1.31 -12.37
N GLY B 324 26.03 2.13 -11.36
CA GLY B 324 24.99 2.96 -10.80
C GLY B 324 24.12 2.22 -9.80
N VAL B 325 23.35 3.00 -9.04
CA VAL B 325 22.47 2.48 -8.01
C VAL B 325 21.12 3.15 -8.16
N LEU B 326 20.07 2.51 -7.64
CA LEU B 326 18.73 3.08 -7.62
C LEU B 326 18.25 3.13 -6.17
N ALA B 327 18.66 4.17 -5.46
CA ALA B 327 18.22 4.32 -4.07
C ALA B 327 16.89 5.05 -4.01
N GLY B 328 16.31 5.15 -2.82
CA GLY B 328 15.06 5.85 -2.67
C GLY B 328 13.94 5.06 -2.02
N HIS B 329 14.16 3.81 -1.65
CA HIS B 329 13.20 3.03 -0.87
C HIS B 329 13.61 3.06 0.59
N ASP B 330 12.62 3.26 1.48
CA ASP B 330 12.90 3.36 2.89
C ASP B 330 13.16 2.00 3.53
N ASN B 331 12.50 0.95 3.05
CA ASN B 331 12.56 -0.35 3.71
C ASN B 331 12.88 -1.40 2.65
N ARG B 332 12.77 -2.69 3.04
CA ARG B 332 13.20 -3.79 2.20
C ARG B 332 12.49 -3.78 0.85
N VAL B 333 13.19 -4.24 -0.18
CA VAL B 333 12.60 -4.47 -1.49
C VAL B 333 12.19 -5.93 -1.57
N SER B 334 10.94 -6.18 -1.97
CA SER B 334 10.41 -7.53 -2.00
C SER B 334 10.06 -8.01 -3.39
N CYS B 335 9.76 -7.11 -4.33
CA CYS B 335 9.38 -7.48 -5.68
C CYS B 335 9.97 -6.51 -6.68
N LEU B 336 10.12 -6.96 -7.92
CA LEU B 336 10.82 -6.22 -8.96
C LEU B 336 10.35 -6.74 -10.31
N GLY B 337 10.00 -5.84 -11.22
CA GLY B 337 9.49 -6.23 -12.52
C GLY B 337 10.01 -5.35 -13.64
N VAL B 338 10.23 -5.98 -14.79
CA VAL B 338 10.67 -5.28 -16.00
C VAL B 338 9.67 -5.56 -17.11
N THR B 339 9.32 -4.50 -17.85
CA THR B 339 8.30 -4.59 -18.88
C THR B 339 8.82 -5.49 -20.01
N ASP B 340 7.91 -6.05 -20.80
CA ASP B 340 8.30 -6.94 -21.89
C ASP B 340 9.17 -6.23 -22.92
N ASP B 341 8.79 -5.00 -23.28
CA ASP B 341 9.52 -4.30 -24.33
C ASP B 341 10.76 -3.58 -23.81
N GLY B 342 10.99 -3.58 -22.49
CA GLY B 342 12.11 -2.87 -21.92
C GLY B 342 11.87 -1.42 -21.62
N MET B 343 10.62 -0.97 -21.62
CA MET B 343 10.34 0.45 -21.41
C MET B 343 10.75 0.91 -20.02
N ALA B 344 10.32 0.19 -18.98
CA ALA B 344 10.47 0.69 -17.62
C ALA B 344 10.65 -0.46 -16.64
N VAL B 345 11.11 -0.13 -15.45
CA VAL B 345 11.30 -1.08 -14.36
C VAL B 345 10.50 -0.61 -13.16
N ALA B 346 9.70 -1.50 -12.60
CA ALA B 346 8.90 -1.19 -11.41
C ALA B 346 9.45 -1.95 -10.22
N THR B 347 9.58 -1.26 -9.10
CA THR B 347 10.12 -1.81 -7.85
C THR B 347 9.09 -1.64 -6.74
N GLY B 348 8.89 -2.69 -5.95
CA GLY B 348 7.98 -2.65 -4.81
C GLY B 348 8.75 -2.91 -3.54
N SER B 349 8.21 -2.47 -2.40
CA SER B 349 8.94 -2.56 -1.15
C SER B 349 7.99 -2.65 0.03
N TRP B 350 8.58 -2.91 1.20
CA TRP B 350 7.80 -3.09 2.41
C TRP B 350 7.22 -1.79 2.95
N ASP B 351 7.62 -0.65 2.39
CA ASP B 351 7.07 0.64 2.80
C ASP B 351 5.81 1.03 2.03
N SER B 352 5.30 0.13 1.18
CA SER B 352 3.99 0.20 0.52
C SER B 352 3.92 1.20 -0.63
N PHE B 353 5.04 1.57 -1.24
CA PHE B 353 5.04 2.38 -2.45
C PHE B 353 5.84 1.67 -3.53
N LEU B 354 5.26 1.60 -4.73
CA LEU B 354 5.99 1.14 -5.92
C LEU B 354 6.52 2.35 -6.67
N LYS B 355 7.80 2.32 -7.00
CA LYS B 355 8.47 3.39 -7.72
C LYS B 355 8.81 2.91 -9.12
N ILE B 356 8.28 3.59 -10.13
CA ILE B 356 8.62 3.29 -11.51
C ILE B 356 9.88 4.05 -11.90
N TRP B 357 10.73 3.41 -12.70
CA TRP B 357 12.00 4.01 -13.09
C TRP B 357 12.12 3.95 -14.60
N ASN B 358 12.60 5.04 -15.18
CA ASN B 358 12.76 5.13 -16.63
C ASN B 358 13.87 6.11 -16.99
N ARG C 133 24.94 54.14 17.54
CA ARG C 133 25.52 53.90 18.85
C ARG C 133 25.93 52.44 19.03
N GLU C 134 26.85 52.19 19.95
CA GLU C 134 27.28 50.82 20.21
C GLU C 134 26.14 49.98 20.77
N VAL C 135 25.36 50.55 21.70
CA VAL C 135 24.24 49.81 22.28
C VAL C 135 23.20 49.51 21.22
N GLN C 136 22.88 50.50 20.37
CA GLN C 136 21.91 50.29 19.31
C GLN C 136 22.40 49.24 18.31
N ALA C 137 23.68 49.30 17.93
CA ALA C 137 24.22 48.32 17.00
C ALA C 137 24.17 46.92 17.59
N SER C 138 24.52 46.77 18.87
CA SER C 138 24.47 45.47 19.51
C SER C 138 23.04 44.95 19.57
N LEU C 139 22.09 45.81 19.95
CA LEU C 139 20.68 45.41 20.02
C LEU C 139 20.18 44.97 18.65
N TYR C 140 20.55 45.72 17.61
CA TYR C 140 20.20 45.31 16.25
C TYR C 140 20.82 43.97 15.90
N SER C 141 22.05 43.72 16.38
CA SER C 141 22.69 42.43 16.12
C SER C 141 21.90 41.29 16.74
N LEU C 142 21.53 41.42 18.02
CA LEU C 142 20.74 40.36 18.65
C LEU C 142 19.39 40.19 17.96
N MET C 143 18.73 41.30 17.62
CA MET C 143 17.42 41.20 16.99
C MET C 143 17.51 40.50 15.64
N SER C 144 18.51 40.86 14.83
CA SER C 144 18.68 40.23 13.53
C SER C 144 19.04 38.76 13.67
N LEU C 145 19.87 38.43 14.66
CA LEU C 145 20.16 37.02 14.92
C LEU C 145 18.89 36.26 15.26
N ILE C 146 18.02 36.85 16.08
CA ILE C 146 16.76 36.20 16.43
C ILE C 146 15.91 35.97 15.19
N ILE C 147 15.81 36.99 14.33
CA ILE C 147 14.98 36.86 13.13
C ILE C 147 15.53 35.78 12.21
N LEU C 148 16.85 35.79 11.98
CA LEU C 148 17.45 34.79 11.10
C LEU C 148 17.29 33.39 11.66
N ALA C 149 17.50 33.22 12.96
CA ALA C 149 17.33 31.91 13.58
C ALA C 149 15.89 31.43 13.45
N THR C 150 14.93 32.31 13.71
CA THR C 150 13.53 31.93 13.56
C THR C 150 13.23 31.48 12.14
N LEU C 151 13.62 32.28 11.15
CA LEU C 151 13.32 31.95 9.76
C LEU C 151 13.95 30.64 9.33
N VAL C 152 15.24 30.42 9.63
CA VAL C 152 15.90 29.21 9.17
C VAL C 152 15.38 27.98 9.92
N GLY C 153 15.17 28.10 11.24
CA GLY C 153 14.69 26.97 12.01
C GLY C 153 13.31 26.54 11.58
N ASN C 154 12.45 27.49 11.25
CA ASN C 154 11.14 27.12 10.74
C ASN C 154 11.18 26.60 9.31
N LEU C 155 12.02 27.16 8.45
CA LEU C 155 12.10 26.71 7.06
C LEU C 155 12.58 25.27 6.98
N ILE C 156 13.57 24.90 7.80
CA ILE C 156 14.08 23.54 7.78
C ILE C 156 12.95 22.57 8.07
N VAL C 157 12.19 22.84 9.13
CA VAL C 157 11.11 21.95 9.53
C VAL C 157 10.04 21.87 8.45
N ILE C 158 9.66 23.04 7.90
CA ILE C 158 8.59 23.08 6.89
C ILE C 158 8.99 22.25 5.68
N ILE C 159 10.18 22.49 5.14
CA ILE C 159 10.61 21.77 3.94
C ILE C 159 10.74 20.29 4.21
N SER C 160 11.38 19.92 5.33
CA SER C 160 11.61 18.51 5.62
C SER C 160 10.31 17.74 5.79
N ILE C 161 9.37 18.24 6.59
CA ILE C 161 8.13 17.52 6.82
C ILE C 161 7.18 17.61 5.63
N SER C 162 7.37 18.58 4.74
CA SER C 162 6.57 18.63 3.52
C SER C 162 7.06 17.66 2.46
N HIS C 163 8.37 17.57 2.25
CA HIS C 163 8.88 16.73 1.17
C HIS C 163 8.84 15.26 1.53
N PHE C 164 9.32 14.90 2.71
CA PHE C 164 9.58 13.50 3.04
C PHE C 164 8.27 12.71 3.10
N LYS C 165 8.25 11.57 2.41
CA LYS C 165 7.00 10.82 2.27
C LYS C 165 6.66 10.05 3.54
N GLN C 166 7.66 9.51 4.23
CA GLN C 166 7.38 8.70 5.41
C GLN C 166 6.95 9.56 6.60
N LEU C 167 7.50 10.77 6.73
CA LEU C 167 7.18 11.66 7.85
C LEU C 167 5.85 12.36 7.61
N HIS C 168 4.80 11.55 7.44
CA HIS C 168 3.47 12.06 7.18
C HIS C 168 2.47 11.71 8.28
N THR C 169 2.95 11.43 9.48
CA THR C 169 2.06 11.12 10.60
C THR C 169 1.38 12.40 11.09
N PRO C 170 0.14 12.30 11.56
CA PRO C 170 -0.64 13.51 11.89
C PRO C 170 0.03 14.46 12.88
N THR C 171 0.73 13.93 13.89
CA THR C 171 1.44 14.81 14.81
C THR C 171 2.47 15.65 14.06
N ASN C 172 3.05 15.08 13.00
CA ASN C 172 3.98 15.86 12.20
C ASN C 172 3.27 16.97 11.45
N TRP C 173 1.98 16.78 11.13
CA TRP C 173 1.22 17.89 10.57
C TRP C 173 1.00 19.00 11.58
N LEU C 174 0.72 18.66 12.84
CA LEU C 174 0.64 19.70 13.86
C LEU C 174 1.96 20.46 13.97
N LEU C 175 3.07 19.74 13.96
CA LEU C 175 4.36 20.41 14.03
C LEU C 175 4.60 21.32 12.83
N HIS C 176 4.19 20.87 11.64
CA HIS C 176 4.30 21.69 10.43
C HIS C 176 3.49 22.98 10.56
N SER C 177 2.25 22.87 11.04
CA SER C 177 1.38 24.04 11.17
C SER C 177 1.97 25.06 12.13
N MET C 178 2.47 24.59 13.28
CA MET C 178 3.10 25.51 14.22
C MET C 178 4.33 26.15 13.60
N ALA C 179 5.09 25.39 12.81
CA ALA C 179 6.27 25.95 12.16
C ALA C 179 5.90 27.06 11.19
N ILE C 180 4.80 26.89 10.44
CA ILE C 180 4.35 27.93 9.53
C ILE C 180 3.96 29.19 10.30
N VAL C 181 3.23 29.01 11.42
CA VAL C 181 2.86 30.17 12.24
C VAL C 181 4.11 30.94 12.65
N ASP C 182 5.10 30.21 13.15
CA ASP C 182 6.31 30.86 13.66
C ASP C 182 7.07 31.56 12.55
N PHE C 183 7.13 30.94 11.36
CA PHE C 183 7.84 31.56 10.24
C PHE C 183 7.15 32.84 9.79
N LEU C 184 5.82 32.84 9.74
CA LEU C 184 5.10 34.05 9.39
C LEU C 184 5.38 35.16 10.39
N LEU C 185 5.36 34.82 11.69
CA LEU C 185 5.68 35.82 12.71
C LEU C 185 7.07 36.39 12.50
N GLY C 186 8.06 35.51 12.33
CA GLY C 186 9.44 35.95 12.19
C GLY C 186 9.73 36.74 10.94
N CYS C 187 8.98 36.50 9.86
CA CYS C 187 9.18 37.28 8.64
C CYS C 187 8.42 38.60 8.65
N LEU C 188 7.24 38.64 9.26
CA LEU C 188 6.44 39.86 9.22
C LEU C 188 6.75 40.82 10.36
N ILE C 189 6.56 40.39 11.61
CA ILE C 189 6.37 41.33 12.71
C ILE C 189 7.64 41.57 13.51
N MET C 190 8.61 40.66 13.44
CA MET C 190 9.87 40.91 14.13
C MET C 190 10.59 42.18 13.62
N PRO C 191 10.73 42.40 12.31
CA PRO C 191 11.48 43.60 11.87
C PRO C 191 10.80 44.92 12.23
N CYS C 192 9.47 44.97 12.20
CA CYS C 192 8.78 46.22 12.50
C CYS C 192 9.04 46.67 13.93
N SER C 193 8.81 45.78 14.88
CA SER C 193 9.10 46.10 16.28
C SER C 193 10.59 46.12 16.58
N MET C 194 11.42 45.55 15.69
CA MET C 194 12.85 45.77 15.78
C MET C 194 13.20 47.23 15.52
N VAL C 195 12.65 47.79 14.44
CA VAL C 195 12.93 49.19 14.09
C VAL C 195 12.30 50.12 15.12
N ARG C 196 11.09 49.65 15.58
CA ARG C 196 10.19 50.38 16.51
C ARG C 196 10.50 50.60 17.96
N THR C 197 11.61 50.14 18.39
CA THR C 197 12.06 50.39 19.76
C THR C 197 13.51 50.79 19.87
N VAL C 198 14.32 50.63 18.81
CA VAL C 198 15.73 50.97 18.92
C VAL C 198 15.92 52.49 19.02
N GLU C 199 15.19 53.25 18.21
CA GLU C 199 15.17 54.70 18.31
C GLU C 199 14.01 55.22 19.16
N ARG C 200 13.23 54.33 19.75
CA ARG C 200 12.10 54.63 20.63
C ARG C 200 10.99 55.43 19.95
N CYS C 201 10.86 55.36 18.62
CA CYS C 201 9.84 56.13 17.93
C CYS C 201 9.30 55.33 16.75
N TRP C 202 8.06 55.63 16.38
CA TRP C 202 7.36 54.97 15.29
C TRP C 202 7.37 55.85 14.05
N TYR C 203 7.81 55.28 12.92
CA TYR C 203 8.08 56.04 11.69
C TYR C 203 7.08 55.67 10.61
N PHE C 204 5.95 55.10 11.01
CA PHE C 204 4.93 54.68 10.05
C PHE C 204 3.63 55.41 10.39
N GLY C 205 2.60 55.15 9.60
CA GLY C 205 1.33 55.81 9.79
C GLY C 205 0.53 55.24 10.95
N GLU C 206 -0.56 55.93 11.27
CA GLU C 206 -1.43 55.48 12.35
C GLU C 206 -2.20 54.23 11.98
N ILE C 207 -2.51 54.03 10.69
CA ILE C 207 -3.24 52.84 10.28
C ILE C 207 -2.36 51.59 10.42
N LEU C 208 -1.04 51.76 10.29
CA LEU C 208 -0.14 50.61 10.35
C LEU C 208 -0.03 50.06 11.77
N CYS C 209 -0.17 50.93 12.77
CA CYS C 209 -0.01 50.49 14.15
C CYS C 209 -1.04 49.43 14.53
N LYS C 210 -2.30 49.66 14.18
CA LYS C 210 -3.36 48.72 14.54
C LYS C 210 -3.13 47.37 13.87
N VAL C 211 -2.79 47.37 12.57
CA VAL C 211 -2.53 46.13 11.86
C VAL C 211 -1.37 45.38 12.50
N HIS C 212 -0.25 45.98 12.76
CA HIS C 212 0.84 45.21 13.33
C HIS C 212 0.42 44.69 14.68
N THR C 213 -0.04 45.54 15.59
CA THR C 213 -0.34 44.99 16.92
C THR C 213 -1.30 43.82 16.83
N SER C 214 -2.35 43.94 16.01
CA SER C 214 -3.34 42.87 15.96
C SER C 214 -2.75 41.59 15.37
N THR C 215 -1.94 41.71 14.32
CA THR C 215 -1.33 40.52 13.75
C THR C 215 -0.33 39.89 14.72
N ASP C 216 0.39 40.71 15.48
CA ASP C 216 1.29 40.17 16.50
C ASP C 216 0.51 39.36 17.53
N ILE C 217 -0.61 39.90 18.00
CA ILE C 217 -1.44 39.18 18.95
C ILE C 217 -1.90 37.85 18.36
N MET C 218 -2.38 37.88 17.12
CA MET C 218 -2.87 36.67 16.46
C MET C 218 -1.79 35.59 16.42
N LEU C 219 -0.60 35.96 15.96
CA LEU C 219 0.43 34.95 15.76
C LEU C 219 0.93 34.38 17.08
N SER C 220 1.09 35.22 18.11
CA SER C 220 1.52 34.69 19.40
C SER C 220 0.49 33.74 19.99
N SER C 221 -0.79 34.11 19.92
CA SER C 221 -1.82 33.24 20.44
C SER C 221 -1.85 31.91 19.68
N ALA C 222 -1.67 31.95 18.36
CA ALA C 222 -1.62 30.72 17.60
C ALA C 222 -0.47 29.82 18.04
N SER C 223 0.71 30.38 18.28
CA SER C 223 1.82 29.55 18.73
C SER C 223 1.51 28.87 20.06
N ILE C 224 0.97 29.63 21.01
CA ILE C 224 0.66 29.03 22.32
C ILE C 224 -0.39 27.93 22.18
N PHE C 225 -1.42 28.17 21.38
CA PHE C 225 -2.44 27.13 21.20
C PHE C 225 -1.84 25.87 20.59
N HIS C 226 -0.89 26.03 19.67
CA HIS C 226 -0.26 24.85 19.09
C HIS C 226 0.51 24.05 20.12
N LEU C 227 1.21 24.73 21.02
CA LEU C 227 1.89 24.02 22.10
C LEU C 227 0.91 23.26 22.98
N ALA C 228 -0.22 23.88 23.31
CA ALA C 228 -1.22 23.19 24.11
C ALA C 228 -1.72 21.93 23.41
N PHE C 229 -1.93 21.91 22.11
CA PHE C 229 -2.52 20.71 21.45
C PHE C 229 -1.42 19.66 21.28
N ILE C 230 -0.18 20.10 21.15
CA ILE C 230 0.85 19.07 21.17
C ILE C 230 0.87 18.33 22.50
N SER C 231 0.74 19.08 23.61
CA SER C 231 0.70 18.42 24.91
C SER C 231 -0.49 17.46 25.01
N ILE C 232 -1.71 17.81 24.70
CA ILE C 232 -2.75 16.76 24.78
C ILE C 232 -2.33 15.61 23.89
N ASP C 233 -1.95 15.87 22.63
CA ASP C 233 -1.63 14.66 21.87
C ASP C 233 -0.73 13.73 22.67
N ARG C 234 0.27 14.27 23.35
CA ARG C 234 1.17 13.43 24.16
C ARG C 234 0.39 12.68 25.24
N TYR C 235 -0.53 13.37 25.91
CA TYR C 235 -1.33 12.73 26.95
C TYR C 235 -2.19 11.62 26.39
N CYS C 236 -2.83 11.87 25.24
CA CYS C 236 -3.66 10.82 24.65
C CYS C 236 -2.82 9.64 24.22
N ALA C 237 -1.55 9.87 23.88
CA ALA C 237 -0.68 8.76 23.51
C ALA C 237 -0.32 7.89 24.70
N VAL C 238 0.04 8.51 25.83
CA VAL C 238 0.56 7.70 26.96
C VAL C 238 -0.57 7.19 27.84
N CYS C 239 -1.50 8.06 28.25
CA CYS C 239 -2.53 7.65 29.18
C CYS C 239 -3.52 6.64 28.61
N ASP C 240 -3.65 6.54 27.30
CA ASP C 240 -4.57 5.59 26.66
C ASP C 240 -3.87 4.91 25.49
N PRO C 241 -3.09 3.87 25.76
CA PRO C 241 -2.18 3.36 24.74
C PRO C 241 -2.87 2.54 23.65
N LEU C 242 -3.90 1.77 24.01
CA LEU C 242 -4.53 0.91 23.02
C LEU C 242 -5.33 1.69 21.98
N ARG C 243 -6.01 2.76 22.37
CA ARG C 243 -6.86 3.52 21.47
C ARG C 243 -6.19 4.81 21.01
N TYR C 244 -4.88 4.76 20.77
CA TYR C 244 -4.16 5.92 20.29
C TYR C 244 -4.46 6.18 18.82
N LYS C 245 -4.14 5.20 17.96
CA LYS C 245 -4.26 5.41 16.52
C LYS C 245 -5.71 5.39 16.06
N ALA C 246 -6.62 4.87 16.88
CA ALA C 246 -8.03 4.88 16.51
C ALA C 246 -8.64 6.26 16.69
N LYS C 247 -8.13 7.05 17.62
CA LYS C 247 -8.70 8.36 17.92
C LYS C 247 -7.83 9.53 17.47
N ILE C 248 -6.52 9.43 17.53
CA ILE C 248 -5.68 10.49 16.98
C ILE C 248 -5.39 10.16 15.52
N ASN C 249 -6.37 10.38 14.66
CA ASN C 249 -6.21 10.26 13.22
C ASN C 249 -6.18 11.64 12.60
N ILE C 250 -6.14 11.73 11.27
CA ILE C 250 -5.86 13.00 10.61
C ILE C 250 -7.09 13.91 10.52
N SER C 251 -8.31 13.38 10.60
CA SER C 251 -9.48 14.25 10.69
C SER C 251 -9.44 15.11 11.95
N THR C 252 -9.10 14.48 13.08
CA THR C 252 -8.99 15.22 14.33
C THR C 252 -7.88 16.25 14.27
N ILE C 253 -6.76 15.91 13.62
CA ILE C 253 -5.67 16.88 13.49
C ILE C 253 -6.07 18.06 12.61
N LEU C 254 -6.85 17.82 11.56
CA LEU C 254 -7.35 18.94 10.76
C LEU C 254 -8.25 19.83 11.60
N VAL C 255 -9.13 19.25 12.41
CA VAL C 255 -9.96 20.06 13.29
C VAL C 255 -9.09 20.86 14.26
N MET C 256 -8.04 20.22 14.77
CA MET C 256 -7.15 20.90 15.70
C MET C 256 -6.49 22.11 15.06
N ILE C 257 -5.99 21.95 13.83
CA ILE C 257 -5.32 23.06 13.16
C ILE C 257 -6.32 24.18 12.84
N LEU C 258 -7.53 23.81 12.45
CA LEU C 258 -8.53 24.84 12.14
C LEU C 258 -8.87 25.67 13.38
N VAL C 259 -9.08 25.00 14.52
CA VAL C 259 -9.37 25.74 15.75
C VAL C 259 -8.15 26.54 16.19
N SER C 260 -6.95 26.02 15.94
CA SER C 260 -5.74 26.75 16.32
C SER C 260 -5.57 28.02 15.49
N TRP C 261 -5.98 27.98 14.23
CA TRP C 261 -5.80 29.10 13.30
C TRP C 261 -6.94 30.11 13.29
N SER C 262 -8.16 29.70 13.65
CA SER C 262 -9.34 30.54 13.41
C SER C 262 -9.63 31.51 14.56
N LEU C 263 -9.87 30.99 15.75
CA LEU C 263 -10.33 31.81 16.87
C LEU C 263 -9.38 32.94 17.25
N PRO C 264 -8.05 32.74 17.29
CA PRO C 264 -7.16 33.89 17.57
C PRO C 264 -7.37 35.04 16.62
N ALA C 265 -7.54 34.77 15.32
CA ALA C 265 -7.83 35.84 14.37
C ALA C 265 -9.09 36.58 14.76
N VAL C 266 -10.15 35.84 15.09
CA VAL C 266 -11.43 36.42 15.46
C VAL C 266 -11.24 37.39 16.60
N TYR C 267 -10.79 36.90 17.76
CA TYR C 267 -10.71 37.73 19.00
C TYR C 267 -9.61 38.78 18.94
N ALA C 268 -8.60 38.63 18.12
CA ALA C 268 -7.57 39.65 17.95
C ALA C 268 -8.07 40.80 17.10
N PHE C 269 -8.65 40.50 15.94
CA PHE C 269 -9.19 41.57 15.10
C PHE C 269 -10.33 42.28 15.80
N GLY C 270 -11.22 41.53 16.46
CA GLY C 270 -12.34 42.15 17.14
C GLY C 270 -11.90 43.10 18.25
N MET C 271 -10.85 42.73 18.97
CA MET C 271 -10.38 43.57 20.07
C MET C 271 -9.59 44.78 19.57
N ILE C 272 -8.78 44.61 18.51
CA ILE C 272 -7.94 45.72 18.11
C ILE C 272 -8.67 46.67 17.17
N PHE C 273 -9.20 46.18 16.05
CA PHE C 273 -9.78 47.07 15.04
C PHE C 273 -11.09 47.67 15.52
N LEU C 274 -11.97 46.85 16.10
CA LEU C 274 -13.15 47.35 16.80
C LEU C 274 -12.68 47.67 18.22
N GLU C 275 -12.47 48.96 18.47
CA GLU C 275 -11.75 49.37 19.68
C GLU C 275 -12.49 48.96 20.94
N LEU C 276 -11.92 48.00 21.66
CA LEU C 276 -12.46 47.57 22.94
C LEU C 276 -11.40 47.49 24.04
N ASN C 277 -10.12 47.59 23.71
CA ASN C 277 -9.09 47.59 24.74
C ASN C 277 -8.79 48.99 25.25
N LEU C 278 -9.17 50.02 24.49
CA LEU C 278 -9.01 51.40 24.91
C LEU C 278 -10.21 51.95 25.65
N LYS C 279 -11.28 51.17 25.77
CA LYS C 279 -12.50 51.66 26.41
C LYS C 279 -12.25 51.94 27.89
N GLY C 280 -12.46 53.19 28.30
CA GLY C 280 -12.25 53.59 29.67
C GLY C 280 -10.88 54.18 29.96
N VAL C 281 -9.91 53.97 29.08
CA VAL C 281 -8.56 54.47 29.27
C VAL C 281 -8.18 55.43 28.14
N GLU C 282 -9.16 56.07 27.50
CA GLU C 282 -8.89 56.94 26.37
C GLU C 282 -8.08 58.16 26.77
N GLU C 283 -8.30 58.67 27.99
CA GLU C 283 -7.67 59.91 28.41
C GLU C 283 -6.16 59.78 28.46
N LEU C 284 -5.66 58.76 29.17
CA LEU C 284 -4.22 58.57 29.28
C LEU C 284 -3.59 58.24 27.95
N TYR C 285 -4.26 57.42 27.14
CA TYR C 285 -3.75 57.06 25.83
C TYR C 285 -3.60 58.29 24.94
N ARG C 286 -4.60 59.17 24.96
CA ARG C 286 -4.51 60.39 24.18
C ARG C 286 -3.46 61.33 24.74
N SER C 287 -3.30 61.35 26.07
CA SER C 287 -2.46 62.35 26.70
C SER C 287 -0.98 62.04 26.54
N GLN C 288 -0.55 60.86 26.98
CA GLN C 288 0.88 60.63 27.21
C GLN C 288 1.56 59.90 26.06
N VAL C 289 0.95 58.87 25.48
CA VAL C 289 1.66 58.06 24.49
C VAL C 289 1.38 58.57 23.08
N SER C 290 0.14 58.97 22.80
CA SER C 290 -0.23 59.34 21.44
C SER C 290 0.31 60.71 21.06
N ASP C 291 0.63 61.55 22.06
CA ASP C 291 1.13 62.88 21.77
C ASP C 291 2.47 62.82 21.04
N LEU C 292 3.35 61.91 21.46
CA LEU C 292 4.61 61.68 20.78
C LEU C 292 4.48 60.51 19.81
N GLY C 293 5.55 60.21 19.09
CA GLY C 293 5.54 59.13 18.12
C GLY C 293 5.73 57.78 18.77
N GLY C 294 4.68 56.95 18.76
CA GLY C 294 4.75 55.66 19.40
C GLY C 294 3.68 54.72 18.86
N CYS C 295 3.94 53.43 19.02
CA CYS C 295 3.06 52.37 18.59
C CYS C 295 3.02 51.28 19.66
N SER C 296 2.89 51.70 20.91
CA SER C 296 2.80 50.78 22.03
C SER C 296 1.36 50.38 22.28
N PRO C 297 1.05 49.09 22.32
CA PRO C 297 -0.34 48.68 22.57
C PRO C 297 -0.77 49.02 23.98
N PHE C 298 -2.06 49.22 24.15
CA PHE C 298 -2.64 49.66 25.42
C PHE C 298 -3.75 48.71 25.82
N PHE C 299 -3.85 48.45 27.12
CA PHE C 299 -4.87 47.56 27.66
C PHE C 299 -5.56 48.23 28.83
N SER C 300 -6.88 48.09 28.87
CA SER C 300 -7.67 48.67 29.96
C SER C 300 -7.61 47.78 31.18
N LYS C 301 -8.49 48.05 32.16
CA LYS C 301 -8.56 47.22 33.35
C LYS C 301 -9.04 45.80 33.07
N VAL C 302 -10.04 45.63 32.22
CA VAL C 302 -10.61 44.31 31.95
C VAL C 302 -10.01 43.67 30.71
N SER C 303 -9.61 44.49 29.72
CA SER C 303 -9.02 43.94 28.51
C SER C 303 -7.70 43.24 28.80
N GLY C 304 -6.87 43.81 29.65
CA GLY C 304 -5.62 43.15 30.01
C GLY C 304 -5.84 41.82 30.69
N VAL C 305 -6.79 41.76 31.61
CA VAL C 305 -7.07 40.51 32.31
C VAL C 305 -7.64 39.47 31.35
N LEU C 306 -8.53 39.88 30.45
CA LEU C 306 -9.08 38.93 29.48
C LEU C 306 -8.00 38.39 28.57
N ALA C 307 -7.11 39.25 28.07
CA ALA C 307 -6.01 38.77 27.24
C ALA C 307 -5.12 37.82 28.01
N PHE C 308 -4.75 38.19 29.24
CA PHE C 308 -3.93 37.31 30.07
C PHE C 308 -4.58 35.94 30.21
N MET C 309 -5.84 35.90 30.61
CA MET C 309 -6.54 34.63 30.75
C MET C 309 -6.50 33.84 29.45
N THR C 310 -7.15 34.37 28.40
CA THR C 310 -7.38 33.57 27.21
C THR C 310 -6.09 33.18 26.49
N SER C 311 -5.00 33.91 26.70
CA SER C 311 -3.78 33.56 25.98
C SER C 311 -2.73 32.88 26.85
N PHE C 312 -2.89 32.86 28.18
CA PHE C 312 -1.84 32.24 28.99
C PHE C 312 -2.38 31.26 30.02
N TYR C 313 -3.52 31.54 30.64
CA TYR C 313 -3.91 30.74 31.80
C TYR C 313 -4.43 29.37 31.39
N ILE C 314 -5.21 29.29 30.32
CA ILE C 314 -5.81 28.03 29.91
C ILE C 314 -4.74 27.10 29.34
N PRO C 315 -3.99 27.51 28.30
CA PRO C 315 -2.94 26.60 27.78
C PRO C 315 -1.88 26.26 28.81
N GLY C 316 -1.49 27.21 29.65
CA GLY C 316 -0.49 26.92 30.67
C GLY C 316 -0.96 25.86 31.65
N SER C 317 -2.20 25.99 32.13
CA SER C 317 -2.74 25.00 33.05
C SER C 317 -2.84 23.64 32.39
N VAL C 318 -3.28 23.61 31.13
CA VAL C 318 -3.41 22.34 30.42
C VAL C 318 -2.05 21.64 30.32
N MET C 319 -1.04 22.36 29.85
CA MET C 319 0.28 21.74 29.74
C MET C 319 0.83 21.31 31.09
N LEU C 320 0.66 22.13 32.14
CA LEU C 320 1.19 21.74 33.45
C LEU C 320 0.54 20.46 33.95
N PHE C 321 -0.80 20.42 33.95
CA PHE C 321 -1.51 19.25 34.43
C PHE C 321 -1.10 18.00 33.66
N VAL C 322 -1.06 18.11 32.33
CA VAL C 322 -0.77 16.94 31.52
C VAL C 322 0.64 16.44 31.76
N TYR C 323 1.64 17.32 31.71
CA TYR C 323 3.02 16.86 31.84
C TYR C 323 3.39 16.54 33.28
N TYR C 324 2.37 16.64 34.16
CA TYR C 324 2.57 16.31 35.60
C TYR C 324 2.07 14.91 35.92
N ARG C 325 0.88 14.54 35.45
CA ARG C 325 0.46 13.11 35.64
C ARG C 325 1.30 12.06 34.91
N ILE C 326 1.65 12.29 33.67
CA ILE C 326 2.56 11.39 32.93
C ILE C 326 3.75 11.16 33.83
N TYR C 327 4.12 12.08 34.70
CA TYR C 327 5.34 11.87 35.51
C TYR C 327 5.12 10.72 36.49
N PHE C 328 4.04 10.72 37.25
CA PHE C 328 3.70 9.56 38.09
C PHE C 328 3.55 8.30 37.24
N ILE C 329 2.84 8.35 36.11
CA ILE C 329 2.74 7.07 35.34
C ILE C 329 4.14 6.57 34.94
N ALA C 330 5.15 7.40 34.66
CA ALA C 330 6.44 6.85 34.20
C ALA C 330 7.45 6.74 35.31
N LYS C 331 7.09 7.13 36.53
CA LYS C 331 7.99 6.84 37.68
C LYS C 331 7.65 5.43 38.18
N GLY C 332 6.37 5.06 38.28
CA GLY C 332 5.95 3.70 38.64
C GLY C 332 6.35 2.68 37.60
N GLN C 333 6.22 3.04 36.33
CA GLN C 333 6.59 1.97 35.37
C GLN C 333 8.08 1.71 35.45
N ALA C 334 8.94 2.69 35.71
CA ALA C 334 10.38 2.33 35.75
C ALA C 334 10.69 1.69 37.09
N ARG C 335 9.82 1.86 38.09
CA ARG C 335 9.99 1.09 39.34
C ARG C 335 9.83 -0.37 38.95
N SER C 336 8.76 -0.70 38.22
CA SER C 336 8.72 -2.14 37.81
C SER C 336 9.80 -2.42 36.76
N ALA C 361 11.95 11.84 32.22
CA ALA C 361 11.09 12.52 33.17
C ALA C 361 11.67 13.88 33.58
N LYS C 362 12.65 14.33 32.81
CA LYS C 362 13.19 15.68 32.95
C LYS C 362 13.01 16.44 31.63
N THR C 363 12.77 15.70 30.55
CA THR C 363 12.49 16.35 29.27
C THR C 363 11.21 17.17 29.36
N LEU C 364 10.18 16.64 30.01
CA LEU C 364 8.99 17.47 30.23
C LEU C 364 9.32 18.62 31.17
N GLY C 365 10.29 18.42 32.06
CA GLY C 365 10.78 19.55 32.85
C GLY C 365 11.31 20.67 31.98
N ILE C 366 12.08 20.33 30.95
CA ILE C 366 12.56 21.34 30.00
C ILE C 366 11.39 21.94 29.23
N MET C 367 10.47 21.10 28.77
CA MET C 367 9.34 21.56 27.98
C MET C 367 8.38 22.44 28.77
N VAL C 368 8.46 22.42 30.09
CA VAL C 368 7.71 23.36 30.92
C VAL C 368 8.55 24.57 31.35
N GLY C 369 9.85 24.38 31.59
CA GLY C 369 10.67 25.47 32.09
C GLY C 369 10.77 26.62 31.11
N VAL C 370 10.97 26.32 29.82
CA VAL C 370 11.05 27.37 28.82
C VAL C 370 9.74 28.12 28.71
N PHE C 371 8.63 27.38 28.57
CA PHE C 371 7.33 28.01 28.48
C PHE C 371 6.99 28.89 29.67
N LEU C 372 7.57 28.62 30.84
CA LEU C 372 7.17 29.45 32.00
C LEU C 372 8.22 30.53 32.31
N VAL C 373 9.49 30.36 31.97
CA VAL C 373 10.47 31.43 32.13
C VAL C 373 10.36 32.45 31.02
N CYS C 374 9.72 32.10 29.90
CA CYS C 374 9.80 32.96 28.75
C CYS C 374 8.46 33.65 28.41
N TRP C 375 7.39 33.34 29.15
CA TRP C 375 6.16 34.11 29.05
C TRP C 375 5.60 34.61 30.37
N CYS C 376 5.90 33.98 31.51
CA CYS C 376 5.33 34.42 32.78
C CYS C 376 5.63 35.89 33.06
N PRO C 377 6.87 36.38 32.94
CA PRO C 377 7.09 37.81 33.23
C PRO C 377 6.27 38.74 32.36
N PHE C 378 6.08 38.39 31.10
CA PHE C 378 5.38 39.28 30.22
C PHE C 378 4.00 39.43 30.66
N PHE C 379 3.31 38.34 30.65
CA PHE C 379 1.88 38.40 30.93
C PHE C 379 1.60 38.89 32.34
N LEU C 380 2.47 38.54 33.30
CA LEU C 380 2.28 39.05 34.65
C LEU C 380 2.40 40.58 34.68
N CYS C 381 3.43 41.11 34.04
CA CYS C 381 3.58 42.57 33.97
C CYS C 381 2.41 43.21 33.24
N THR C 382 1.97 42.59 32.14
CA THR C 382 0.87 43.15 31.37
C THR C 382 -0.40 43.22 32.20
N VAL C 383 -0.71 42.17 32.96
CA VAL C 383 -1.93 42.17 33.74
C VAL C 383 -1.81 43.01 35.00
N LEU C 384 -0.60 43.21 35.52
CA LEU C 384 -0.41 43.96 36.76
C LEU C 384 -0.22 45.45 36.56
N ASP C 385 0.27 45.87 35.39
CA ASP C 385 0.62 47.28 35.20
C ASP C 385 -0.59 48.21 35.37
N PRO C 386 -1.77 47.94 34.80
CA PRO C 386 -2.90 48.86 35.05
C PRO C 386 -3.26 48.98 36.53
N PHE C 387 -3.09 47.92 37.30
CA PHE C 387 -3.42 48.00 38.73
C PHE C 387 -2.41 48.87 39.48
N LEU C 388 -1.13 48.80 39.11
CA LEU C 388 -0.12 49.61 39.77
C LEU C 388 -0.33 51.09 39.49
N GLY C 389 -0.75 51.43 38.28
CA GLY C 389 -0.94 52.82 37.92
C GLY C 389 -0.02 53.29 36.82
N TYR C 390 0.34 52.38 35.92
CA TYR C 390 1.17 52.69 34.76
C TYR C 390 2.50 53.29 35.16
N VAL C 391 3.31 52.52 35.88
CA VAL C 391 4.63 52.97 36.32
C VAL C 391 5.78 52.21 35.69
N ILE C 392 5.43 51.19 34.92
CA ILE C 392 6.46 50.33 34.28
C ILE C 392 7.20 51.11 33.19
N PRO C 393 8.55 51.25 33.22
CA PRO C 393 9.25 51.88 32.09
C PRO C 393 9.12 51.02 30.84
N PRO C 394 8.84 51.64 29.69
CA PRO C 394 8.70 50.85 28.45
C PRO C 394 9.98 50.11 28.04
N SER C 395 11.14 50.58 28.51
CA SER C 395 12.39 49.91 28.18
C SER C 395 12.36 48.46 28.64
N LEU C 396 11.63 48.21 29.74
CA LEU C 396 11.47 46.84 30.24
C LEU C 396 10.55 46.11 29.26
N ASN C 397 9.43 46.71 28.94
CA ASN C 397 8.44 46.05 28.08
C ASN C 397 9.05 45.60 26.76
N ASP C 398 10.04 46.34 26.27
CA ASP C 398 10.75 45.89 25.07
C ASP C 398 11.42 44.54 25.31
N ALA C 399 12.05 44.36 26.46
CA ALA C 399 12.69 43.09 26.78
C ALA C 399 11.65 41.98 26.91
N LEU C 400 10.46 42.30 27.41
CA LEU C 400 9.39 41.31 27.51
C LEU C 400 8.94 40.85 26.13
N TYR C 401 8.50 41.75 25.28
CA TYR C 401 7.95 41.19 24.03
C TYR C 401 9.00 40.22 23.50
N TRP C 402 10.24 40.65 23.64
CA TRP C 402 11.27 39.81 23.01
C TRP C 402 11.31 38.45 23.72
N PHE C 403 10.71 38.33 24.91
CA PHE C 403 10.74 36.97 25.52
C PHE C 403 10.03 36.05 24.56
N GLY C 404 8.72 36.24 24.51
CA GLY C 404 7.95 35.42 23.59
C GLY C 404 8.75 35.29 22.33
N TYR C 405 9.18 36.41 21.79
CA TYR C 405 9.85 36.25 20.48
C TYR C 405 10.89 35.17 20.67
N LEU C 406 11.89 35.41 21.52
CA LEU C 406 12.88 34.38 21.78
C LEU C 406 12.22 33.01 21.89
N ASN C 407 11.03 32.96 22.50
CA ASN C 407 10.29 31.70 22.49
C ASN C 407 9.96 31.28 21.07
N SER C 408 9.50 32.24 20.26
CA SER C 408 9.23 31.89 18.87
C SER C 408 10.48 31.35 18.19
N ALA C 409 11.65 31.86 18.57
CA ALA C 409 12.89 31.35 17.99
C ALA C 409 13.19 29.93 18.44
N LEU C 410 13.12 29.67 19.75
CA LEU C 410 13.57 28.39 20.28
C LEU C 410 12.53 27.29 20.19
N ASN C 411 11.28 27.61 19.89
CA ASN C 411 10.22 26.61 19.94
C ASN C 411 10.43 25.45 18.97
N PRO C 412 10.69 25.66 17.67
CA PRO C 412 10.87 24.50 16.78
C PRO C 412 12.04 23.62 17.16
N MET C 413 13.07 24.19 17.79
CA MET C 413 14.22 23.38 18.19
C MET C 413 13.80 22.30 19.18
N VAL C 414 13.01 22.67 20.20
CA VAL C 414 12.61 21.72 21.23
C VAL C 414 11.84 20.55 20.64
N TYR C 415 10.92 20.83 19.73
CA TYR C 415 10.03 19.80 19.21
C TYR C 415 10.52 19.15 17.92
N ALA C 416 11.68 19.55 17.41
CA ALA C 416 12.26 18.88 16.25
C ALA C 416 13.61 18.25 16.54
N PHE C 417 14.57 19.02 17.05
CA PHE C 417 15.94 18.52 17.15
C PHE C 417 16.14 17.66 18.38
N PHE C 418 15.24 17.75 19.35
CA PHE C 418 15.36 16.94 20.55
C PHE C 418 15.16 15.46 20.24
N TYR C 419 14.18 15.14 19.40
CA TYR C 419 13.81 13.75 19.18
C TYR C 419 14.71 13.12 18.12
N PRO C 420 15.31 11.96 18.43
CA PRO C 420 16.10 11.23 17.43
C PRO C 420 15.34 10.83 16.18
N TRP C 421 14.03 10.60 16.24
CA TRP C 421 13.30 10.10 15.08
C TRP C 421 13.18 11.11 13.96
N PHE C 422 13.50 12.37 14.21
CA PHE C 422 13.47 13.39 13.16
C PHE C 422 14.89 13.76 12.78
N ARG C 423 15.83 13.52 13.70
CA ARG C 423 17.22 13.90 13.50
C ARG C 423 17.88 13.18 12.32
N ARG C 424 17.33 12.04 11.89
CA ARG C 424 17.90 11.30 10.78
C ARG C 424 16.96 11.29 9.59
N VAL D 2 -27.69 -10.79 -17.41
CA VAL D 2 -27.90 -9.35 -17.48
C VAL D 2 -29.22 -9.06 -18.19
N GLN D 3 -30.14 -8.41 -17.49
CA GLN D 3 -31.42 -8.02 -18.06
C GLN D 3 -31.88 -6.70 -17.46
N LEU D 4 -32.18 -5.73 -18.32
CA LEU D 4 -32.65 -4.43 -17.90
C LEU D 4 -34.08 -4.24 -18.38
N VAL D 5 -34.96 -3.78 -17.48
CA VAL D 5 -36.36 -3.61 -17.78
C VAL D 5 -36.84 -2.27 -17.25
N GLU D 6 -37.54 -1.52 -18.11
CA GLU D 6 -38.19 -0.28 -17.73
C GLU D 6 -39.65 -0.35 -18.14
N SER D 7 -40.51 0.32 -17.38
CA SER D 7 -41.94 0.30 -17.64
C SER D 7 -42.51 1.71 -17.50
N GLY D 8 -43.67 1.91 -18.09
CA GLY D 8 -44.37 3.18 -18.02
C GLY D 8 -44.27 3.98 -19.31
N GLY D 9 -45.18 4.92 -19.45
CA GLY D 9 -45.29 5.73 -20.65
C GLY D 9 -46.63 5.56 -21.33
N GLY D 10 -46.86 6.42 -22.31
CA GLY D 10 -48.12 6.40 -23.05
C GLY D 10 -48.55 7.75 -23.58
N LEU D 11 -49.86 7.97 -23.65
CA LEU D 11 -50.45 9.19 -24.18
C LEU D 11 -50.74 10.15 -23.04
N VAL D 12 -50.21 11.37 -23.14
CA VAL D 12 -50.47 12.43 -22.18
C VAL D 12 -50.78 13.72 -22.94
N GLN D 13 -51.49 14.61 -22.26
CA GLN D 13 -51.79 15.92 -22.83
C GLN D 13 -50.59 16.85 -22.68
N PRO D 14 -50.45 17.83 -23.57
CA PRO D 14 -49.25 18.68 -23.55
C PRO D 14 -49.10 19.45 -22.26
N GLY D 15 -47.84 19.63 -21.85
CA GLY D 15 -47.51 20.37 -20.65
C GLY D 15 -47.38 19.54 -19.39
N GLY D 16 -47.76 18.27 -19.43
CA GLY D 16 -47.67 17.44 -18.25
C GLY D 16 -46.24 17.03 -17.92
N SER D 17 -46.07 16.51 -16.71
CA SER D 17 -44.80 16.00 -16.24
C SER D 17 -44.99 14.59 -15.72
N ARG D 18 -44.16 13.66 -16.18
CA ARG D 18 -44.29 12.26 -15.79
C ARG D 18 -42.91 11.69 -15.51
N LYS D 19 -42.88 10.65 -14.68
CA LYS D 19 -41.65 10.04 -14.19
C LYS D 19 -41.46 8.68 -14.85
N LEU D 20 -40.27 8.44 -15.39
CA LEU D 20 -39.92 7.16 -15.99
C LEU D 20 -38.88 6.45 -15.13
N SER D 21 -39.12 5.17 -14.87
CA SER D 21 -38.25 4.34 -14.04
C SER D 21 -37.67 3.21 -14.88
N CYS D 22 -36.38 2.96 -14.69
CA CYS D 22 -35.70 1.84 -15.32
C CYS D 22 -35.15 0.95 -14.22
N SER D 23 -35.50 -0.33 -14.26
CA SER D 23 -35.13 -1.29 -13.22
C SER D 23 -34.10 -2.26 -13.77
N ALA D 24 -32.99 -2.41 -13.04
CA ALA D 24 -31.87 -3.23 -13.47
C ALA D 24 -31.70 -4.43 -12.55
N SER D 25 -31.43 -5.58 -13.15
CA SER D 25 -31.22 -6.81 -12.41
C SER D 25 -30.11 -7.62 -13.06
N GLY D 26 -29.42 -8.41 -12.25
CA GLY D 26 -28.44 -9.35 -12.76
C GLY D 26 -27.04 -8.82 -12.95
N PHE D 27 -26.74 -7.62 -12.46
CA PHE D 27 -25.38 -7.09 -12.58
C PHE D 27 -25.15 -6.02 -11.52
N ALA D 28 -23.89 -5.64 -11.35
CA ALA D 28 -23.47 -4.66 -10.34
C ALA D 28 -23.71 -3.24 -10.84
N PHE D 29 -24.97 -2.83 -10.77
CA PHE D 29 -25.44 -1.52 -11.23
C PHE D 29 -24.69 -0.36 -10.59
N SER D 30 -24.18 -0.56 -9.38
CA SER D 30 -23.53 0.54 -8.69
C SER D 30 -22.26 1.00 -9.40
N SER D 31 -21.70 0.18 -10.28
CA SER D 31 -20.43 0.50 -10.92
C SER D 31 -20.57 0.86 -12.40
N PHE D 32 -21.77 1.19 -12.87
CA PHE D 32 -21.99 1.50 -14.28
C PHE D 32 -22.60 2.89 -14.45
N GLY D 33 -22.15 3.61 -15.46
CA GLY D 33 -22.86 4.79 -15.92
C GLY D 33 -24.19 4.40 -16.54
N MET D 34 -25.09 5.37 -16.68
CA MET D 34 -26.45 5.11 -17.14
C MET D 34 -26.94 6.14 -18.16
N HIS D 35 -26.21 6.29 -19.26
CA HIS D 35 -26.63 7.18 -20.34
C HIS D 35 -28.09 6.94 -20.72
N TRP D 36 -28.70 7.97 -21.31
CA TRP D 36 -30.05 7.90 -21.84
C TRP D 36 -30.02 8.32 -23.31
N VAL D 37 -29.80 7.36 -24.21
CA VAL D 37 -29.81 7.65 -25.63
C VAL D 37 -31.23 7.56 -26.15
N ARG D 38 -31.67 8.59 -26.88
CA ARG D 38 -33.03 8.69 -27.35
C ARG D 38 -33.09 8.54 -28.86
N GLN D 39 -34.05 7.76 -29.33
CA GLN D 39 -34.25 7.51 -30.74
C GLN D 39 -35.58 8.13 -31.17
N ALA D 40 -35.52 9.02 -32.16
CA ALA D 40 -36.73 9.64 -32.67
C ALA D 40 -37.60 8.60 -33.35
N PRO D 41 -38.92 8.83 -33.42
CA PRO D 41 -39.81 7.78 -33.95
C PRO D 41 -39.45 7.33 -35.35
N GLU D 42 -38.83 8.20 -36.16
CA GLU D 42 -38.39 7.84 -37.49
C GLU D 42 -36.98 8.32 -37.82
N LYS D 43 -36.30 8.99 -36.91
CA LYS D 43 -34.98 9.56 -37.15
C LYS D 43 -33.93 8.85 -36.30
N GLY D 44 -32.71 9.38 -36.35
CA GLY D 44 -31.60 8.71 -35.71
C GLY D 44 -31.57 8.93 -34.21
N LEU D 45 -30.53 8.37 -33.59
CA LEU D 45 -30.37 8.40 -32.14
C LEU D 45 -29.98 9.81 -31.67
N GLU D 46 -30.19 10.08 -30.38
CA GLU D 46 -29.74 11.33 -29.77
C GLU D 46 -29.74 11.21 -28.24
N TRP D 47 -28.99 12.09 -27.59
CA TRP D 47 -28.69 11.97 -26.18
C TRP D 47 -29.89 12.49 -25.37
N VAL D 48 -30.01 12.07 -24.10
CA VAL D 48 -30.91 12.78 -23.18
C VAL D 48 -30.23 13.21 -21.88
N ALA D 49 -29.25 12.43 -21.40
CA ALA D 49 -28.66 12.66 -20.09
C ALA D 49 -27.51 11.71 -19.78
N TYR D 50 -26.81 11.91 -18.66
CA TYR D 50 -25.70 11.04 -18.27
C TYR D 50 -25.34 11.20 -16.79
N ILE D 51 -25.59 10.18 -15.98
CA ILE D 51 -25.14 10.22 -14.59
C ILE D 51 -24.04 9.19 -14.40
N SER D 52 -22.97 9.59 -13.72
CA SER D 52 -21.82 8.70 -13.54
C SER D 52 -22.17 7.63 -12.52
N SER D 53 -21.18 6.81 -12.15
CA SER D 53 -21.44 5.70 -11.24
C SER D 53 -21.74 6.19 -9.83
N GLY D 54 -20.93 7.12 -9.33
CA GLY D 54 -21.06 7.62 -7.98
C GLY D 54 -21.87 8.90 -7.88
N SER D 55 -22.69 9.17 -8.90
CA SER D 55 -23.54 10.35 -8.95
C SER D 55 -22.74 11.65 -8.89
N GLY D 56 -21.49 11.61 -9.35
CA GLY D 56 -20.66 12.81 -9.28
C GLY D 56 -21.03 13.83 -10.35
N THR D 57 -21.00 13.41 -11.61
CA THR D 57 -21.15 14.32 -12.74
C THR D 57 -22.44 14.02 -13.48
N ILE D 58 -23.19 15.07 -13.80
CA ILE D 58 -24.46 14.90 -14.52
C ILE D 58 -24.56 15.88 -15.67
N TYR D 59 -24.17 15.46 -16.87
CA TYR D 59 -24.40 16.27 -18.05
C TYR D 59 -25.86 16.17 -18.49
N TYR D 60 -26.32 17.22 -19.17
CA TYR D 60 -27.66 17.27 -19.74
C TYR D 60 -27.58 17.62 -21.22
N ALA D 61 -28.72 17.52 -21.89
CA ALA D 61 -28.81 17.79 -23.32
C ALA D 61 -29.07 19.27 -23.53
N ASP D 62 -28.50 19.82 -24.61
CA ASP D 62 -28.72 21.23 -24.92
C ASP D 62 -30.20 21.51 -25.17
N THR D 63 -30.88 20.59 -25.86
CA THR D 63 -32.30 20.78 -26.14
C THR D 63 -33.11 20.81 -24.85
N VAL D 64 -32.79 19.93 -23.90
CA VAL D 64 -33.52 19.85 -22.65
C VAL D 64 -32.54 19.86 -21.48
N LYS D 65 -32.45 21.00 -20.79
CA LYS D 65 -31.58 21.14 -19.63
C LYS D 65 -32.28 21.75 -18.42
N GLY D 66 -33.35 22.52 -18.64
CA GLY D 66 -34.06 23.12 -17.54
C GLY D 66 -35.32 22.38 -17.16
N ARG D 67 -35.55 21.21 -17.75
CA ARG D 67 -36.75 20.44 -17.46
C ARG D 67 -36.50 18.97 -17.21
N PHE D 68 -35.29 18.46 -17.43
CA PHE D 68 -35.00 17.04 -17.32
C PHE D 68 -33.98 16.79 -16.22
N THR D 69 -34.35 15.99 -15.23
CA THR D 69 -33.45 15.60 -14.15
C THR D 69 -33.45 14.09 -13.99
N ILE D 70 -32.27 13.51 -13.94
CA ILE D 70 -32.11 12.06 -13.77
C ILE D 70 -31.62 11.78 -12.36
N SER D 71 -32.25 10.79 -11.72
CA SER D 71 -31.90 10.37 -10.38
C SER D 71 -31.81 8.86 -10.33
N ARG D 72 -30.91 8.36 -9.48
CA ARG D 72 -30.70 6.93 -9.31
C ARG D 72 -30.88 6.56 -7.84
N ASP D 73 -31.28 5.31 -7.60
CA ASP D 73 -31.43 4.77 -6.26
C ASP D 73 -30.49 3.59 -6.13
N ASP D 74 -29.25 3.87 -5.71
CA ASP D 74 -28.19 2.88 -5.64
C ASP D 74 -28.56 1.68 -4.77
N PRO D 75 -29.16 1.86 -3.58
CA PRO D 75 -29.57 0.67 -2.80
C PRO D 75 -30.61 -0.17 -3.52
N LYS D 76 -31.76 0.41 -3.87
CA LYS D 76 -32.81 -0.35 -4.53
C LYS D 76 -32.44 -0.73 -5.95
N ASN D 77 -31.42 -0.09 -6.52
CA ASN D 77 -30.92 -0.38 -7.86
C ASN D 77 -32.00 -0.10 -8.92
N THR D 78 -32.40 1.17 -8.98
CA THR D 78 -33.42 1.61 -9.93
C THR D 78 -33.08 3.01 -10.42
N LEU D 79 -33.29 3.25 -11.71
CA LEU D 79 -32.95 4.50 -12.37
C LEU D 79 -34.22 5.26 -12.72
N PHE D 80 -34.16 6.59 -12.64
CA PHE D 80 -35.34 7.43 -12.79
C PHE D 80 -35.07 8.55 -13.80
N LEU D 81 -36.15 9.03 -14.42
CA LEU D 81 -36.12 10.16 -15.32
C LEU D 81 -37.26 11.10 -15.01
N GLN D 82 -36.98 12.40 -15.04
CA GLN D 82 -37.96 13.43 -14.78
C GLN D 82 -38.07 14.38 -15.96
N MET D 83 -39.31 14.76 -16.31
CA MET D 83 -39.57 15.73 -17.36
C MET D 83 -40.49 16.81 -16.85
N THR D 84 -40.55 17.92 -17.58
CA THR D 84 -41.39 19.06 -17.21
C THR D 84 -41.93 19.74 -18.45
N SER D 85 -43.25 19.95 -18.48
CA SER D 85 -43.91 20.71 -19.54
C SER D 85 -43.61 20.15 -20.91
N LEU D 86 -44.08 18.93 -21.19
CA LEU D 86 -43.77 18.25 -22.44
C LEU D 86 -44.21 19.06 -23.65
N ARG D 87 -43.34 19.11 -24.66
CA ARG D 87 -43.64 19.76 -25.93
C ARG D 87 -44.13 18.71 -26.94
N SER D 88 -44.28 19.15 -28.19
CA SER D 88 -44.67 18.20 -29.23
C SER D 88 -43.54 17.24 -29.57
N GLU D 89 -42.30 17.63 -29.29
CA GLU D 89 -41.14 16.79 -29.59
C GLU D 89 -41.05 15.57 -28.69
N ASP D 90 -41.76 15.57 -27.56
CA ASP D 90 -41.69 14.47 -26.59
C ASP D 90 -42.46 13.24 -27.06
N THR D 91 -42.08 12.71 -28.22
CA THR D 91 -42.71 11.55 -28.81
C THR D 91 -41.70 10.43 -29.05
N ALA D 92 -40.41 10.72 -28.95
CA ALA D 92 -39.36 9.81 -29.35
C ALA D 92 -39.26 8.61 -28.40
N MET D 93 -38.29 7.75 -28.68
CA MET D 93 -38.09 6.48 -28.00
C MET D 93 -36.93 6.59 -27.01
N TYR D 94 -37.16 6.08 -25.80
CA TYR D 94 -36.20 6.17 -24.70
C TYR D 94 -35.65 4.79 -24.37
N TYR D 95 -34.33 4.68 -24.30
CA TYR D 95 -33.67 3.40 -24.06
C TYR D 95 -32.69 3.52 -22.90
N CYS D 96 -32.50 2.40 -22.20
CA CYS D 96 -31.63 2.31 -21.02
C CYS D 96 -30.29 1.71 -21.48
N VAL D 97 -29.23 2.52 -21.42
CA VAL D 97 -27.93 2.07 -21.90
C VAL D 97 -26.97 1.92 -20.72
N ARG D 98 -25.97 1.06 -20.86
CA ARG D 98 -24.93 0.90 -19.85
C ARG D 98 -23.62 1.37 -20.44
N SER D 99 -22.60 1.45 -19.60
CA SER D 99 -21.28 1.91 -20.00
C SER D 99 -20.34 1.75 -18.82
N ILE D 100 -19.05 1.61 -19.13
CA ILE D 100 -18.05 1.45 -18.08
C ILE D 100 -16.70 1.91 -18.62
N TYR D 101 -15.98 2.72 -17.84
CA TYR D 101 -14.78 3.38 -18.32
C TYR D 101 -13.58 3.01 -17.45
N TYR D 102 -12.61 2.35 -18.06
CA TYR D 102 -11.28 2.15 -17.52
C TYR D 102 -10.43 1.68 -18.69
N TYR D 103 -9.14 1.51 -18.45
CA TYR D 103 -8.25 1.14 -19.54
C TYR D 103 -8.67 -0.20 -20.14
N GLY D 104 -9.00 -0.18 -21.43
CA GLY D 104 -9.41 -1.38 -22.12
C GLY D 104 -10.88 -1.70 -22.06
N SER D 105 -11.70 -0.83 -21.48
CA SER D 105 -13.12 -1.13 -21.36
C SER D 105 -13.85 -0.94 -22.68
N SER D 106 -15.08 -1.44 -22.73
CA SER D 106 -15.92 -1.35 -23.93
C SER D 106 -17.25 -0.71 -23.59
N PRO D 107 -17.37 0.61 -23.70
CA PRO D 107 -18.63 1.27 -23.31
C PRO D 107 -19.79 0.93 -24.23
N PHE D 108 -21.01 1.25 -23.78
CA PHE D 108 -22.24 1.09 -24.55
C PHE D 108 -22.47 -0.36 -24.94
N ASP D 109 -22.62 -1.22 -23.93
CA ASP D 109 -22.75 -2.66 -24.16
C ASP D 109 -24.21 -3.10 -24.28
N PHE D 110 -24.99 -2.91 -23.23
CA PHE D 110 -26.32 -3.53 -23.16
C PHE D 110 -27.39 -2.45 -23.19
N TRP D 111 -28.42 -2.69 -23.99
CA TRP D 111 -29.52 -1.76 -24.19
C TRP D 111 -30.82 -2.39 -23.72
N GLY D 112 -31.75 -1.54 -23.28
CA GLY D 112 -33.06 -1.99 -22.85
C GLY D 112 -34.03 -2.12 -24.00
N GLN D 113 -35.24 -2.59 -23.67
CA GLN D 113 -36.27 -2.75 -24.70
C GLN D 113 -36.89 -1.42 -25.08
N GLY D 114 -36.87 -0.44 -24.17
CA GLY D 114 -37.39 0.88 -24.46
C GLY D 114 -38.86 1.01 -24.11
N THR D 115 -39.29 2.27 -23.97
CA THR D 115 -40.68 2.60 -23.65
C THR D 115 -41.17 3.70 -24.58
N THR D 116 -42.47 3.66 -24.89
CA THR D 116 -43.06 4.55 -25.88
C THR D 116 -43.96 5.58 -25.20
N LEU D 117 -43.73 6.85 -25.50
CA LEU D 117 -44.55 7.95 -25.02
C LEU D 117 -44.91 8.87 -26.18
N THR D 118 -46.18 9.24 -26.24
CA THR D 118 -46.71 10.08 -27.31
C THR D 118 -47.42 11.28 -26.71
N VAL D 119 -47.32 12.43 -27.37
CA VAL D 119 -47.90 13.69 -26.89
C VAL D 119 -48.92 14.16 -27.92
N SER D 120 -50.13 14.47 -27.46
CA SER D 120 -51.19 14.92 -28.34
C SER D 120 -50.90 16.33 -28.86
N SER D 121 -51.57 16.69 -29.95
CA SER D 121 -51.40 18.00 -30.56
C SER D 121 -52.12 19.08 -29.75
N SER D 135 -24.50 24.42 -33.08
CA SER D 135 -23.44 25.33 -32.66
C SER D 135 -22.08 24.79 -33.06
N SER D 136 -21.21 24.58 -32.08
CA SER D 136 -19.89 24.01 -32.29
C SER D 136 -19.89 22.50 -32.15
N ASP D 137 -21.07 21.88 -32.08
CA ASP D 137 -21.16 20.43 -31.95
C ASP D 137 -20.59 19.75 -33.18
N ILE D 138 -19.84 18.67 -32.98
CA ILE D 138 -19.30 17.93 -34.10
C ILE D 138 -20.44 17.24 -34.83
N VAL D 139 -20.70 17.66 -36.07
CA VAL D 139 -21.80 17.14 -36.86
C VAL D 139 -21.29 16.02 -37.76
N MET D 140 -22.01 14.90 -37.77
CA MET D 140 -21.65 13.76 -38.60
C MET D 140 -22.82 13.42 -39.52
N THR D 141 -22.50 13.13 -40.77
CA THR D 141 -23.50 12.76 -41.77
C THR D 141 -23.05 11.49 -42.49
N GLN D 142 -23.98 10.56 -42.65
CA GLN D 142 -23.70 9.30 -43.30
C GLN D 142 -23.85 9.45 -44.81
N ALA D 143 -23.21 8.53 -45.54
CA ALA D 143 -23.11 8.66 -46.99
C ALA D 143 -24.47 8.46 -47.66
N THR D 144 -25.06 7.27 -47.51
CA THR D 144 -26.29 6.92 -48.19
C THR D 144 -27.39 6.67 -47.17
N SER D 145 -28.51 6.16 -47.65
CA SER D 145 -29.65 5.81 -46.80
C SER D 145 -30.20 4.41 -47.06
N SER D 146 -29.93 3.84 -48.24
CA SER D 146 -30.44 2.52 -48.57
C SER D 146 -29.58 1.91 -49.67
N VAL D 147 -29.22 0.63 -49.49
CA VAL D 147 -28.39 -0.09 -50.45
C VAL D 147 -28.89 -1.52 -50.59
N PRO D 148 -29.20 -1.99 -51.80
CA PRO D 148 -29.55 -3.40 -51.99
C PRO D 148 -28.32 -4.31 -52.02
N VAL D 149 -28.41 -5.48 -51.39
CA VAL D 149 -27.26 -6.36 -51.20
C VAL D 149 -27.64 -7.78 -51.60
N THR D 150 -26.61 -8.60 -51.79
CA THR D 150 -26.74 -10.01 -52.15
C THR D 150 -26.14 -10.89 -51.06
N PRO D 151 -26.80 -11.99 -50.68
CA PRO D 151 -26.30 -12.79 -49.55
C PRO D 151 -25.02 -13.55 -49.86
N GLY D 152 -23.89 -12.87 -49.75
CA GLY D 152 -22.61 -13.50 -50.02
C GLY D 152 -21.58 -12.55 -50.61
N GLU D 153 -22.01 -11.34 -50.94
CA GLU D 153 -21.11 -10.33 -51.48
C GLU D 153 -20.47 -9.54 -50.35
N SER D 154 -19.73 -8.49 -50.72
CA SER D 154 -19.05 -7.62 -49.78
C SER D 154 -19.73 -6.26 -49.75
N VAL D 155 -19.99 -5.76 -48.54
CA VAL D 155 -20.70 -4.52 -48.35
C VAL D 155 -19.76 -3.52 -47.67
N SER D 156 -19.98 -2.22 -47.95
CA SER D 156 -19.21 -1.17 -47.29
C SER D 156 -20.11 0.02 -47.04
N ILE D 157 -19.94 0.63 -45.86
CA ILE D 157 -20.69 1.81 -45.45
C ILE D 157 -19.68 2.87 -45.02
N SER D 158 -20.00 4.14 -45.28
CA SER D 158 -19.10 5.23 -45.00
C SER D 158 -19.76 6.25 -44.09
N CYS D 159 -18.95 6.86 -43.23
CA CYS D 159 -19.41 7.87 -42.29
C CYS D 159 -18.42 9.02 -42.28
N ARG D 160 -18.93 10.23 -42.08
CA ARG D 160 -18.12 11.44 -42.15
C ARG D 160 -18.28 12.26 -40.89
N SER D 161 -17.16 12.82 -40.42
CA SER D 161 -17.14 13.68 -39.24
C SER D 161 -16.61 15.05 -39.61
N SER D 162 -17.20 16.08 -38.99
CA SER D 162 -16.83 17.46 -39.31
C SER D 162 -15.38 17.75 -38.93
N LYS D 163 -14.94 17.23 -37.78
CA LYS D 163 -13.60 17.51 -37.27
C LYS D 163 -12.91 16.18 -37.01
N SER D 164 -11.58 16.19 -36.99
CA SER D 164 -10.83 14.98 -36.67
C SER D 164 -11.21 14.45 -35.30
N LEU D 165 -11.36 13.14 -35.21
CA LEU D 165 -11.74 12.47 -33.97
C LEU D 165 -10.54 11.99 -33.17
N LEU D 166 -9.42 11.71 -33.84
CA LEU D 166 -8.22 11.23 -33.16
C LEU D 166 -7.77 12.24 -32.10
N HIS D 167 -7.40 11.70 -30.93
CA HIS D 167 -6.97 12.51 -29.80
C HIS D 167 -5.46 12.36 -29.63
N SER D 168 -4.89 13.19 -28.77
CA SER D 168 -3.45 13.18 -28.57
C SER D 168 -2.95 11.86 -28.00
N ASN D 169 -3.81 11.12 -27.30
CA ASN D 169 -3.42 9.84 -26.74
C ASN D 169 -3.59 8.68 -27.73
N GLY D 170 -3.71 8.99 -29.02
CA GLY D 170 -3.80 7.95 -30.03
C GLY D 170 -5.03 7.08 -29.98
N ASN D 171 -6.20 7.66 -29.72
CA ASN D 171 -7.45 6.91 -29.64
C ASN D 171 -8.52 7.60 -30.47
N THR D 172 -9.24 6.82 -31.26
CA THR D 172 -10.30 7.34 -32.13
C THR D 172 -11.63 6.83 -31.61
N TYR D 173 -12.55 7.76 -31.32
CA TYR D 173 -13.79 7.41 -30.63
C TYR D 173 -14.95 7.31 -31.63
N LEU D 174 -15.04 6.13 -32.24
CA LEU D 174 -16.07 5.80 -33.22
C LEU D 174 -16.73 4.48 -32.86
N TYR D 175 -18.05 4.43 -32.98
CA TYR D 175 -18.82 3.24 -32.64
C TYR D 175 -19.79 2.91 -33.76
N TRP D 176 -20.07 1.62 -33.92
CA TRP D 176 -21.03 1.13 -34.91
C TRP D 176 -22.03 0.25 -34.18
N PHE D 177 -23.32 0.59 -34.27
CA PHE D 177 -24.31 -0.08 -33.44
C PHE D 177 -25.07 -1.15 -34.21
N LEU D 178 -25.64 -0.78 -35.36
CA LEU D 178 -26.42 -1.72 -36.19
C LEU D 178 -27.62 -2.27 -35.46
N GLN D 179 -28.59 -1.41 -35.17
CA GLN D 179 -29.90 -1.86 -34.73
C GLN D 179 -30.53 -2.75 -35.81
N ARG D 180 -31.11 -3.86 -35.37
CA ARG D 180 -31.84 -4.76 -36.25
C ARG D 180 -33.33 -4.49 -36.15
N PRO D 181 -34.09 -4.73 -37.23
CA PRO D 181 -35.53 -4.42 -37.22
C PRO D 181 -36.27 -5.27 -36.20
N GLY D 182 -37.11 -4.62 -35.41
CA GLY D 182 -37.81 -5.29 -34.33
C GLY D 182 -36.97 -5.61 -33.12
N GLN D 183 -35.74 -5.13 -33.08
CA GLN D 183 -34.81 -5.44 -31.99
C GLN D 183 -34.14 -4.15 -31.53
N SER D 184 -33.85 -4.10 -30.24
CA SER D 184 -33.14 -2.99 -29.64
C SER D 184 -31.72 -2.92 -30.19
N PRO D 185 -31.09 -1.73 -30.15
CA PRO D 185 -29.75 -1.58 -30.74
C PRO D 185 -28.71 -2.50 -30.09
N GLN D 186 -27.56 -2.62 -30.75
CA GLN D 186 -26.48 -3.48 -30.28
C GLN D 186 -25.18 -2.73 -30.45
N LEU D 187 -24.07 -3.45 -30.29
CA LEU D 187 -22.74 -2.91 -30.52
C LEU D 187 -21.92 -3.91 -31.33
N LEU D 188 -21.24 -3.40 -32.36
CA LEU D 188 -20.38 -4.26 -33.17
C LEU D 188 -18.92 -3.86 -33.04
N ILE D 189 -18.60 -2.62 -33.36
CA ILE D 189 -17.23 -2.13 -33.34
C ILE D 189 -17.17 -0.93 -32.42
N TYR D 190 -16.25 -0.97 -31.46
CA TYR D 190 -16.08 0.13 -30.53
C TYR D 190 -14.69 0.72 -30.68
N ARG D 191 -14.64 2.06 -30.68
CA ARG D 191 -13.41 2.83 -30.82
C ARG D 191 -12.64 2.43 -32.09
N MET D 192 -13.34 2.49 -33.24
CA MET D 192 -12.80 2.38 -34.59
C MET D 192 -12.51 0.96 -35.04
N SER D 193 -11.54 0.28 -34.41
CA SER D 193 -11.02 -0.97 -34.94
C SER D 193 -10.99 -2.07 -33.89
N ASN D 194 -12.02 -2.17 -33.05
CA ASN D 194 -12.08 -3.17 -32.00
C ASN D 194 -13.44 -3.84 -32.02
N LEU D 195 -13.43 -5.17 -31.89
CA LEU D 195 -14.63 -5.97 -32.05
C LEU D 195 -15.36 -6.12 -30.72
N ALA D 196 -16.69 -6.14 -30.78
CA ALA D 196 -17.52 -6.18 -29.58
C ALA D 196 -17.61 -7.58 -29.00
N SER D 197 -18.57 -7.77 -28.07
CA SER D 197 -18.68 -9.01 -27.32
C SER D 197 -19.29 -10.15 -28.13
N GLY D 198 -18.45 -10.86 -28.88
CA GLY D 198 -18.90 -12.07 -29.55
C GLY D 198 -19.89 -11.85 -30.68
N VAL D 199 -19.70 -10.79 -31.47
CA VAL D 199 -20.44 -10.64 -32.72
C VAL D 199 -19.70 -11.47 -33.77
N PRO D 200 -20.36 -11.88 -34.86
CA PRO D 200 -19.66 -12.70 -35.86
C PRO D 200 -18.45 -11.97 -36.43
N ASP D 201 -17.37 -12.73 -36.65
CA ASP D 201 -16.08 -12.12 -36.94
C ASP D 201 -16.02 -11.49 -38.32
N ARG D 202 -17.01 -11.74 -39.18
CA ARG D 202 -16.96 -11.20 -40.54
C ARG D 202 -16.92 -9.68 -40.54
N PHE D 203 -17.46 -9.06 -39.50
CA PHE D 203 -17.49 -7.61 -39.40
C PHE D 203 -16.08 -7.05 -39.16
N SER D 204 -15.86 -5.81 -39.59
CA SER D 204 -14.58 -5.15 -39.41
C SER D 204 -14.78 -3.65 -39.60
N GLY D 205 -13.70 -2.90 -39.36
CA GLY D 205 -13.75 -1.46 -39.51
C GLY D 205 -12.37 -0.90 -39.79
N SER D 206 -12.34 0.20 -40.54
CA SER D 206 -11.11 0.89 -40.88
C SER D 206 -11.39 2.40 -40.96
N GLY D 207 -10.33 3.19 -40.77
CA GLY D 207 -10.49 4.63 -40.75
C GLY D 207 -9.19 5.34 -41.07
N SER D 208 -9.30 6.66 -41.17
CA SER D 208 -8.15 7.50 -41.50
C SER D 208 -8.01 8.66 -40.52
N GLY D 209 -9.13 9.10 -39.96
CA GLY D 209 -9.14 10.22 -39.03
C GLY D 209 -10.32 11.14 -39.25
N THR D 210 -10.83 11.18 -40.48
CA THR D 210 -12.01 11.98 -40.80
C THR D 210 -13.08 11.20 -41.55
N ALA D 211 -12.72 10.20 -42.34
CA ALA D 211 -13.69 9.35 -43.02
C ALA D 211 -13.43 7.91 -42.63
N PHE D 212 -14.51 7.15 -42.46
CA PHE D 212 -14.43 5.81 -41.94
C PHE D 212 -15.32 4.87 -42.75
N THR D 213 -14.95 3.60 -42.77
CA THR D 213 -15.66 2.59 -43.56
C THR D 213 -15.91 1.35 -42.72
N LEU D 214 -17.14 0.84 -42.78
CA LEU D 214 -17.52 -0.42 -42.16
C LEU D 214 -17.65 -1.48 -43.24
N THR D 215 -16.89 -2.57 -43.11
CA THR D 215 -16.73 -3.56 -44.18
C THR D 215 -17.20 -4.93 -43.69
N ILE D 216 -18.29 -5.43 -44.26
CA ILE D 216 -18.74 -6.79 -43.97
C ILE D 216 -18.21 -7.73 -45.05
N SER D 217 -17.55 -8.81 -44.64
CA SER D 217 -16.90 -9.71 -45.58
C SER D 217 -17.89 -10.65 -46.25
N ARG D 218 -18.52 -11.52 -45.49
CA ARG D 218 -19.60 -12.36 -46.01
C ARG D 218 -20.92 -11.63 -45.77
N LEU D 219 -22.04 -12.34 -45.88
CA LEU D 219 -23.32 -11.72 -45.54
C LEU D 219 -24.30 -12.83 -45.18
N GLU D 220 -25.25 -12.49 -44.32
CA GLU D 220 -26.28 -13.43 -43.89
C GLU D 220 -27.60 -12.67 -43.78
N ALA D 221 -28.68 -13.44 -43.60
CA ALA D 221 -30.00 -12.83 -43.50
C ALA D 221 -30.14 -11.98 -42.24
N GLU D 222 -29.26 -12.20 -41.26
CA GLU D 222 -29.37 -11.48 -39.99
C GLU D 222 -28.91 -10.04 -40.13
N ASP D 223 -28.01 -9.76 -41.07
CA ASP D 223 -27.33 -8.47 -41.10
C ASP D 223 -28.25 -7.33 -41.55
N VAL D 224 -29.47 -7.66 -41.98
CA VAL D 224 -30.40 -6.64 -42.45
C VAL D 224 -30.81 -5.73 -41.29
N GLY D 225 -31.00 -4.45 -41.59
CA GLY D 225 -31.36 -3.47 -40.59
C GLY D 225 -30.81 -2.09 -40.90
N VAL D 226 -30.64 -1.26 -39.87
CA VAL D 226 -30.12 0.09 -40.01
C VAL D 226 -28.85 0.21 -39.17
N TYR D 227 -27.86 0.91 -39.72
CA TYR D 227 -26.54 1.02 -39.10
C TYR D 227 -26.27 2.47 -38.75
N TYR D 228 -25.69 2.71 -37.58
CA TYR D 228 -25.52 4.06 -37.06
C TYR D 228 -24.04 4.38 -36.77
N CYS D 229 -23.79 5.67 -36.65
CA CYS D 229 -22.46 6.23 -36.44
C CYS D 229 -22.50 7.10 -35.20
N MET D 230 -21.41 7.10 -34.43
CA MET D 230 -21.39 7.86 -33.19
C MET D 230 -19.98 8.30 -32.85
N GLN D 231 -19.87 9.49 -32.27
CA GLN D 231 -18.60 10.03 -31.83
C GLN D 231 -18.57 10.20 -30.32
N HIS D 232 -17.39 10.06 -29.74
CA HIS D 232 -17.25 10.24 -28.30
C HIS D 232 -15.98 10.98 -27.90
N LEU D 233 -15.50 11.91 -28.73
CA LEU D 233 -14.28 12.65 -28.41
C LEU D 233 -14.51 13.76 -27.39
N GLU D 234 -15.69 14.36 -27.37
CA GLU D 234 -15.99 15.51 -26.54
C GLU D 234 -17.44 15.38 -26.11
N TYR D 235 -17.82 16.11 -25.05
CA TYR D 235 -18.98 15.73 -24.27
C TYR D 235 -20.22 15.42 -25.10
N PRO D 236 -20.84 16.36 -25.83
CA PRO D 236 -22.08 16.01 -26.54
C PRO D 236 -21.88 14.86 -27.50
N LEU D 237 -22.90 13.98 -27.56
CA LEU D 237 -22.82 12.72 -28.30
C LEU D 237 -23.77 12.80 -29.49
N THR D 238 -23.22 13.17 -30.65
CA THR D 238 -24.00 13.27 -31.87
C THR D 238 -24.05 11.94 -32.61
N PHE D 239 -25.02 11.80 -33.49
CA PHE D 239 -25.30 10.54 -34.17
C PHE D 239 -25.44 10.74 -35.67
N GLY D 240 -25.26 9.66 -36.43
CA GLY D 240 -25.51 9.68 -37.85
C GLY D 240 -26.98 9.51 -38.17
N ALA D 241 -27.28 9.37 -39.46
CA ALA D 241 -28.66 9.27 -39.92
C ALA D 241 -29.12 7.81 -39.99
N GLY D 242 -28.43 7.00 -40.77
CA GLY D 242 -28.77 5.59 -40.90
C GLY D 242 -28.70 5.15 -42.34
N THR D 243 -28.35 3.88 -42.51
CA THR D 243 -28.24 3.26 -43.83
C THR D 243 -28.92 1.91 -43.86
N LYS D 244 -30.17 1.86 -44.28
CA LYS D 244 -30.90 0.59 -44.32
C LYS D 244 -30.36 -0.32 -45.41
N LEU D 245 -30.31 -1.62 -45.12
CA LEU D 245 -29.92 -2.64 -46.08
C LEU D 245 -31.12 -3.53 -46.36
N GLU D 246 -31.42 -3.75 -47.64
CA GLU D 246 -32.49 -4.63 -48.07
C GLU D 246 -31.92 -5.76 -48.92
N LEU D 247 -32.53 -6.93 -48.85
CA LEU D 247 -32.10 -8.06 -49.67
C LEU D 247 -32.43 -7.82 -51.14
N THR E 6 15.27 -53.21 5.81
CA THR E 6 14.57 -52.03 6.28
C THR E 6 13.44 -51.64 5.32
N ALA E 7 12.65 -50.65 5.72
CA ALA E 7 11.51 -50.20 4.93
C ALA E 7 11.82 -48.98 4.06
N SER E 8 13.08 -48.53 4.02
CA SER E 8 13.46 -47.36 3.24
C SER E 8 14.10 -47.73 1.90
N ILE E 9 13.84 -48.94 1.40
CA ILE E 9 14.42 -49.35 0.12
C ILE E 9 13.81 -48.56 -1.03
N ALA E 10 12.55 -48.16 -0.89
CA ALA E 10 11.88 -47.43 -1.96
C ALA E 10 12.53 -46.06 -2.18
N GLN E 11 12.80 -45.33 -1.11
CA GLN E 11 13.45 -44.03 -1.24
C GLN E 11 14.89 -44.19 -1.72
N ALA E 12 15.53 -45.29 -1.31
CA ALA E 12 16.95 -45.49 -1.61
C ALA E 12 17.20 -45.61 -3.11
N ARG E 13 16.35 -46.35 -3.81
CA ARG E 13 16.60 -46.63 -5.22
C ARG E 13 16.39 -45.39 -6.08
N LYS E 14 15.30 -44.66 -5.85
CA LYS E 14 14.93 -43.56 -6.74
C LYS E 14 16.07 -42.56 -6.89
N LEU E 15 16.83 -42.34 -5.82
CA LEU E 15 18.03 -41.51 -5.94
C LEU E 15 19.02 -42.11 -6.93
N VAL E 16 19.17 -43.44 -6.91
CA VAL E 16 20.11 -44.09 -7.81
C VAL E 16 19.66 -43.94 -9.26
N GLU E 17 18.38 -44.19 -9.55
CA GLU E 17 17.92 -44.01 -10.93
C GLU E 17 18.00 -42.55 -11.36
N GLN E 18 17.71 -41.61 -10.45
CA GLN E 18 17.81 -40.20 -10.83
C GLN E 18 19.26 -39.81 -11.12
N LEU E 19 20.20 -40.32 -10.33
CA LEU E 19 21.61 -40.04 -10.59
C LEU E 19 22.06 -40.66 -11.91
N LYS E 20 21.60 -41.87 -12.21
CA LYS E 20 21.92 -42.49 -13.49
C LYS E 20 21.36 -41.68 -14.65
N MET E 21 20.13 -41.17 -14.49
CA MET E 21 19.52 -40.36 -15.53
C MET E 21 20.30 -39.06 -15.74
N GLU E 22 20.64 -38.37 -14.63
CA GLU E 22 21.26 -37.06 -14.75
C GLU E 22 22.65 -37.16 -15.35
N ALA E 23 23.28 -38.33 -15.27
CA ALA E 23 24.60 -38.50 -15.86
C ALA E 23 24.52 -38.52 -17.39
N ASN E 24 23.40 -38.97 -17.95
CA ASN E 24 23.24 -39.12 -19.40
C ASN E 24 22.74 -37.81 -20.01
N ILE E 25 23.62 -36.81 -19.99
CA ILE E 25 23.38 -35.53 -20.64
C ILE E 25 24.67 -35.09 -21.32
N ASP E 26 24.55 -34.55 -22.53
CA ASP E 26 25.72 -34.19 -23.32
C ASP E 26 26.33 -32.88 -22.84
N ARG E 27 27.57 -32.64 -23.26
CA ARG E 27 28.33 -31.46 -22.87
C ARG E 27 28.74 -30.68 -24.11
N ILE E 28 28.68 -29.35 -24.04
CA ILE E 28 29.12 -28.49 -25.12
C ILE E 28 30.21 -27.52 -24.70
N LYS E 29 30.73 -27.66 -23.47
CA LYS E 29 31.79 -26.82 -22.90
C LYS E 29 31.47 -25.33 -23.02
N VAL E 30 32.49 -24.47 -22.85
CA VAL E 30 32.24 -23.03 -22.82
C VAL E 30 32.32 -22.38 -24.19
N SER E 31 32.74 -23.11 -25.22
CA SER E 31 32.82 -22.51 -26.55
C SER E 31 31.45 -22.11 -27.07
N LYS E 32 30.50 -23.05 -27.05
CA LYS E 32 29.14 -22.73 -27.47
C LYS E 32 28.41 -21.96 -26.39
N ALA E 33 28.69 -22.24 -25.12
CA ALA E 33 28.02 -21.62 -24.01
C ALA E 33 28.24 -20.11 -24.00
N ALA E 34 29.50 -19.70 -24.08
CA ALA E 34 29.80 -18.26 -24.03
C ALA E 34 29.40 -17.58 -25.32
N ALA E 35 29.73 -18.17 -26.47
CA ALA E 35 29.65 -17.48 -27.75
C ALA E 35 28.21 -17.08 -28.07
N ASP E 36 27.24 -17.91 -27.68
CA ASP E 36 25.84 -17.60 -27.94
C ASP E 36 25.42 -16.32 -27.24
N LEU E 37 25.85 -16.14 -25.99
CA LEU E 37 25.45 -14.96 -25.22
C LEU E 37 25.95 -13.67 -25.86
N MET E 38 27.22 -13.64 -26.27
CA MET E 38 27.72 -12.44 -26.93
C MET E 38 26.99 -12.19 -28.24
N ALA E 39 26.72 -13.25 -29.00
CA ALA E 39 25.99 -13.09 -30.25
C ALA E 39 24.64 -12.45 -30.02
N TYR E 40 23.88 -12.97 -29.04
CA TYR E 40 22.55 -12.43 -28.78
C TYR E 40 22.62 -10.98 -28.30
N CYS E 41 23.52 -10.68 -27.36
CA CYS E 41 23.56 -9.34 -26.81
C CYS E 41 24.00 -8.34 -27.87
N GLU E 42 25.00 -8.69 -28.68
CA GLU E 42 25.46 -7.78 -29.73
C GLU E 42 24.39 -7.58 -30.80
N ALA E 43 23.65 -8.65 -31.12
CA ALA E 43 22.58 -8.51 -32.11
C ALA E 43 21.47 -7.60 -31.61
N HIS E 44 21.08 -7.74 -30.34
CA HIS E 44 19.89 -7.06 -29.85
C HIS E 44 20.20 -5.83 -29.01
N ALA E 45 21.46 -5.40 -28.91
CA ALA E 45 21.77 -4.19 -28.14
C ALA E 45 21.24 -2.94 -28.82
N LYS E 46 20.94 -3.01 -30.12
CA LYS E 46 20.51 -1.83 -30.84
C LYS E 46 19.15 -1.34 -30.35
N GLU E 47 18.18 -2.25 -30.17
CA GLU E 47 16.82 -1.83 -29.87
C GLU E 47 16.57 -1.73 -28.37
N ASP E 48 17.57 -2.08 -27.55
CA ASP E 48 17.44 -2.03 -26.09
C ASP E 48 17.12 -0.62 -25.60
N PRO E 49 15.94 -0.41 -25.01
CA PRO E 49 15.61 0.95 -24.55
C PRO E 49 16.32 1.34 -23.27
N LEU E 50 16.49 0.41 -22.34
CA LEU E 50 17.12 0.75 -21.07
C LEU E 50 18.61 1.00 -21.24
N LEU E 51 19.27 0.21 -22.09
CA LEU E 51 20.71 0.30 -22.23
C LEU E 51 21.13 1.63 -22.86
N THR E 52 20.48 2.00 -23.96
CA THR E 52 20.76 3.26 -24.63
C THR E 52 19.65 4.24 -24.34
N PRO E 53 19.94 5.43 -23.79
CA PRO E 53 18.86 6.38 -23.47
C PRO E 53 18.02 6.71 -24.70
N VAL E 54 16.71 6.82 -24.49
CA VAL E 54 15.74 6.95 -25.56
C VAL E 54 15.35 8.41 -25.69
N PRO E 55 15.01 8.90 -26.89
CA PRO E 55 14.51 10.28 -27.00
C PRO E 55 13.26 10.51 -26.16
N ALA E 56 13.16 11.73 -25.63
CA ALA E 56 12.06 12.06 -24.73
C ALA E 56 10.71 11.95 -25.43
N SER E 57 10.68 12.20 -26.74
CA SER E 57 9.43 12.05 -27.48
C SER E 57 9.03 10.59 -27.59
N GLU E 58 10.01 9.69 -27.65
CA GLU E 58 9.72 8.27 -27.86
C GLU E 58 9.14 7.62 -26.60
N ASN E 59 9.75 7.89 -25.44
CA ASN E 59 9.28 7.17 -24.25
C ASN E 59 7.96 7.76 -23.74
N PRO E 60 7.11 6.94 -23.13
CA PRO E 60 5.81 7.41 -22.66
C PRO E 60 5.75 7.81 -21.20
N PHE E 61 6.82 7.60 -20.44
CA PHE E 61 6.86 8.00 -19.03
C PHE E 61 7.56 9.33 -18.84
N ARG E 62 7.43 10.23 -19.81
CA ARG E 62 8.10 11.53 -19.72
C ARG E 62 7.47 12.37 -18.62
N GLU E 63 8.22 13.37 -18.17
CA GLU E 63 7.80 14.32 -17.13
C GLU E 63 6.98 13.68 -16.01
C1 UJL F . 4.76 38.92 20.95
C2 UJL F . 2.76 39.47 22.19
C3 UJL F . 1.55 40.35 21.92
C4 UJL F . 0.70 42.52 22.34
C5 UJL F . -0.22 42.12 23.48
C6 UJL F . -0.43 40.65 23.45
C7 UJL F . -1.46 39.89 24.07
C8 UJL F . -1.36 38.57 23.79
C9 UJL F . 0.45 39.86 22.79
N1 UJL F . 3.93 39.99 21.49
O1 UJL F . 1.86 41.69 22.29
S1 UJL F . 0.14 38.19 23.05
#